data_9FJW
#
_entry.id   9FJW
#
_entity_poly.entity_id   1
_entity_poly.type   'polypeptide(L)'
_entity_poly.pdbx_seq_one_letter_code
;SVKEGAQRKWAALKEKLGPQDSDPTEANLESADPE
;
_entity_poly.pdbx_strand_id   A
#
# COMPACT_ATOMS: atom_id res chain seq x y z
N SER A 1 -18.04 -11.01 -2.91
CA SER A 1 -18.06 -9.55 -2.94
C SER A 1 -17.04 -8.97 -1.97
N VAL A 2 -16.96 -9.57 -0.78
CA VAL A 2 -16.03 -9.11 0.25
C VAL A 2 -14.61 -9.59 -0.06
N LYS A 3 -14.49 -10.87 -0.39
CA LYS A 3 -13.19 -11.46 -0.71
C LYS A 3 -12.66 -10.93 -2.03
N GLU A 4 -13.54 -10.83 -3.02
CA GLU A 4 -13.16 -10.33 -4.34
C GLU A 4 -12.84 -8.84 -4.29
N GLY A 5 -13.63 -8.09 -3.52
CA GLY A 5 -13.41 -6.67 -3.40
C GLY A 5 -12.00 -6.33 -2.98
N ALA A 6 -11.44 -7.14 -2.09
CA ALA A 6 -10.08 -6.93 -1.60
C ALA A 6 -9.06 -7.09 -2.73
N GLN A 7 -9.29 -8.07 -3.59
CA GLN A 7 -8.39 -8.34 -4.71
C GLN A 7 -8.36 -7.16 -5.67
N ARG A 8 -9.53 -6.66 -6.03
CA ARG A 8 -9.63 -5.53 -6.95
C ARG A 8 -8.79 -4.36 -6.46
N LYS A 9 -8.77 -4.15 -5.15
CA LYS A 9 -8.00 -3.06 -4.57
C LYS A 9 -6.52 -3.42 -4.49
N TRP A 10 -6.25 -4.69 -4.20
CA TRP A 10 -4.86 -5.16 -4.09
C TRP A 10 -4.11 -4.91 -5.39
N ALA A 11 -4.79 -5.09 -6.51
CA ALA A 11 -4.18 -4.88 -7.82
C ALA A 11 -3.51 -3.51 -7.91
N ALA A 12 -4.18 -2.50 -7.36
CA ALA A 12 -3.65 -1.15 -7.37
C ALA A 12 -2.29 -1.08 -6.68
N LEU A 13 -2.12 -1.88 -5.64
CA LEU A 13 -0.86 -1.92 -4.90
C LEU A 13 0.32 -2.14 -5.84
N LYS A 14 0.19 -3.15 -6.70
CA LYS A 14 1.25 -3.46 -7.66
C LYS A 14 1.61 -2.25 -8.51
N GLU A 15 0.59 -1.46 -8.87
CA GLU A 15 0.80 -0.26 -9.67
C GLU A 15 1.85 0.64 -9.04
N LYS A 16 1.85 0.72 -7.72
CA LYS A 16 2.80 1.56 -6.99
C LYS A 16 4.16 0.87 -6.93
N LEU A 17 4.16 -0.45 -6.86
CA LEU A 17 5.40 -1.21 -6.80
C LEU A 17 6.35 -0.82 -7.92
N GLY A 18 5.78 -0.55 -9.10
CA GLY A 18 6.59 -0.16 -10.24
C GLY A 18 7.47 1.03 -9.95
N PRO A 19 6.85 2.22 -9.79
CA PRO A 19 7.58 3.46 -9.50
C PRO A 19 8.17 3.47 -8.09
N GLN A 20 9.07 4.41 -7.84
CA GLN A 20 9.71 4.53 -6.53
C GLN A 20 9.37 5.87 -5.88
N ASP A 21 8.08 6.19 -5.85
CA ASP A 21 7.62 7.44 -5.26
C ASP A 21 6.81 7.19 -3.99
N SER A 22 7.50 6.92 -2.89
CA SER A 22 6.84 6.64 -1.62
C SER A 22 7.16 7.72 -0.60
N ASP A 23 6.16 8.51 -0.23
CA ASP A 23 6.33 9.59 0.74
C ASP A 23 6.70 9.02 2.11
N PRO A 24 7.50 9.79 2.87
CA PRO A 24 7.95 9.38 4.20
C PRO A 24 6.81 9.39 5.22
N THR A 25 5.89 10.34 5.07
CA THR A 25 4.75 10.46 5.97
C THR A 25 3.76 9.32 5.75
N GLU A 26 3.59 8.93 4.49
CA GLU A 26 2.67 7.85 4.15
C GLU A 26 3.17 6.51 4.67
N ALA A 27 4.45 6.22 4.41
CA ALA A 27 5.05 4.97 4.85
C ALA A 27 4.83 4.75 6.34
N ASN A 28 4.96 5.82 7.12
CA ASN A 28 4.77 5.73 8.56
C ASN A 28 3.38 5.17 8.90
N LEU A 29 2.38 5.60 8.15
CA LEU A 29 1.01 5.13 8.36
C LEU A 29 0.94 3.61 8.31
N GLU A 30 1.44 3.04 7.21
CA GLU A 30 1.43 1.59 7.04
C GLU A 30 2.21 0.91 8.16
N SER A 31 3.43 1.38 8.40
CA SER A 31 4.28 0.81 9.43
C SER A 31 3.69 1.05 10.82
N ALA A 32 4.05 0.19 11.77
CA ALA A 32 3.55 0.31 13.13
C ALA A 32 4.50 1.14 13.98
N ASP A 33 5.79 0.81 13.95
CA ASP A 33 6.80 1.53 14.71
C ASP A 33 6.82 3.00 14.33
N PRO A 34 7.10 3.86 15.31
CA PRO A 34 7.16 5.31 15.11
C PRO A 34 8.37 5.73 14.26
N GLU A 35 9.49 5.05 14.47
CA GLU A 35 10.71 5.35 13.73
C GLU A 35 11.14 6.78 13.96
N SER A 1 -18.26 -12.61 -1.58
CA SER A 1 -18.38 -11.40 -0.78
C SER A 1 -17.02 -10.76 -0.56
N VAL A 2 -16.13 -11.48 0.11
CA VAL A 2 -14.78 -10.98 0.39
C VAL A 2 -13.88 -11.13 -0.83
N LYS A 3 -13.97 -12.29 -1.48
CA LYS A 3 -13.15 -12.57 -2.66
C LYS A 3 -13.50 -11.62 -3.80
N GLU A 4 -14.78 -11.28 -3.91
CA GLU A 4 -15.24 -10.36 -4.95
C GLU A 4 -14.58 -9.00 -4.82
N GLY A 5 -14.40 -8.55 -3.59
CA GLY A 5 -13.77 -7.26 -3.35
C GLY A 5 -12.25 -7.34 -3.38
N ALA A 6 -11.71 -8.42 -2.84
CA ALA A 6 -10.27 -8.61 -2.81
C ALA A 6 -9.67 -8.49 -4.21
N GLN A 7 -10.39 -8.99 -5.20
CA GLN A 7 -9.92 -8.92 -6.59
C GLN A 7 -9.71 -7.48 -7.03
N ARG A 8 -10.73 -6.65 -6.84
CA ARG A 8 -10.66 -5.25 -7.22
C ARG A 8 -9.66 -4.50 -6.34
N LYS A 9 -9.67 -4.81 -5.05
CA LYS A 9 -8.77 -4.17 -4.11
C LYS A 9 -7.32 -4.33 -4.54
N TRP A 10 -7.00 -5.50 -5.10
CA TRP A 10 -5.64 -5.78 -5.57
C TRP A 10 -5.16 -4.70 -6.52
N ALA A 11 -6.07 -4.19 -7.35
CA ALA A 11 -5.74 -3.15 -8.31
C ALA A 11 -5.05 -1.97 -7.63
N ALA A 12 -5.61 -1.54 -6.49
CA ALA A 12 -5.05 -0.42 -5.75
C ALA A 12 -3.58 -0.63 -5.47
N LEU A 13 -3.19 -1.88 -5.22
CA LEU A 13 -1.80 -2.22 -4.94
C LEU A 13 -0.88 -1.66 -6.02
N LYS A 14 -1.11 -2.08 -7.26
CA LYS A 14 -0.30 -1.62 -8.39
C LYS A 14 -0.38 -0.10 -8.53
N GLU A 15 -1.59 0.43 -8.45
CA GLU A 15 -1.80 1.87 -8.57
C GLU A 15 -0.91 2.63 -7.59
N LYS A 16 -0.76 2.08 -6.40
CA LYS A 16 0.06 2.70 -5.36
C LYS A 16 1.54 2.57 -5.68
N LEU A 17 1.91 1.46 -6.31
CA LEU A 17 3.30 1.21 -6.69
C LEU A 17 3.84 2.34 -7.55
N GLY A 18 5.16 2.48 -7.58
CA GLY A 18 5.78 3.52 -8.37
C GLY A 18 7.01 4.10 -7.70
N PRO A 19 6.79 4.91 -6.66
CA PRO A 19 7.88 5.55 -5.91
C PRO A 19 8.69 4.55 -5.10
N GLN A 20 9.85 4.99 -4.62
CA GLN A 20 10.73 4.13 -3.84
C GLN A 20 10.08 3.78 -2.50
N ASP A 21 9.40 4.74 -1.90
CA ASP A 21 8.74 4.54 -0.62
C ASP A 21 7.43 3.80 -0.81
N SER A 22 7.51 2.48 -0.98
CA SER A 22 6.32 1.65 -1.17
C SER A 22 6.01 0.86 0.09
N ASP A 23 6.99 0.11 0.58
CA ASP A 23 6.82 -0.70 1.78
C ASP A 23 6.33 0.16 2.95
N PRO A 24 5.54 -0.46 3.83
CA PRO A 24 4.98 0.23 5.01
C PRO A 24 6.06 0.55 6.05
N THR A 25 7.03 -0.34 6.19
CA THR A 25 8.11 -0.16 7.14
C THR A 25 9.03 0.98 6.72
N GLU A 26 9.24 1.10 5.41
CA GLU A 26 10.11 2.14 4.88
C GLU A 26 9.40 3.50 4.90
N ALA A 27 8.15 3.51 4.46
CA ALA A 27 7.36 4.74 4.44
C ALA A 27 7.15 5.29 5.84
N ASN A 28 6.81 4.40 6.78
CA ASN A 28 6.58 4.79 8.16
C ASN A 28 7.81 5.50 8.73
N LEU A 29 8.97 4.91 8.51
CA LEU A 29 10.22 5.48 9.00
C LEU A 29 10.37 6.93 8.56
N GLU A 30 10.00 7.21 7.32
CA GLU A 30 10.09 8.57 6.78
C GLU A 30 9.10 9.50 7.48
N SER A 31 7.90 9.00 7.74
CA SER A 31 6.87 9.78 8.39
C SER A 31 7.12 9.87 9.90
N ALA A 32 7.19 11.08 10.42
CA ALA A 32 7.42 11.30 11.84
C ALA A 32 6.11 11.29 12.62
N ASP A 33 5.19 12.15 12.22
CA ASP A 33 3.89 12.25 12.89
C ASP A 33 2.87 11.31 12.22
N PRO A 34 1.96 10.76 13.04
CA PRO A 34 0.93 9.84 12.56
C PRO A 34 -0.12 10.55 11.71
N GLU A 35 -0.49 11.77 12.11
CA GLU A 35 -1.48 12.55 11.38
C GLU A 35 -2.83 11.83 11.38
N SER A 1 -18.98 -10.13 -4.59
CA SER A 1 -19.28 -10.34 -3.17
C SER A 1 -18.25 -9.64 -2.29
N VAL A 2 -18.46 -9.72 -0.97
CA VAL A 2 -17.55 -9.10 -0.03
C VAL A 2 -16.14 -9.63 -0.18
N LYS A 3 -16.01 -10.96 -0.18
CA LYS A 3 -14.71 -11.60 -0.33
C LYS A 3 -14.10 -11.29 -1.70
N GLU A 4 -14.94 -11.29 -2.73
CA GLU A 4 -14.48 -11.01 -4.09
C GLU A 4 -13.79 -9.65 -4.15
N GLY A 5 -14.33 -8.68 -3.42
CA GLY A 5 -13.74 -7.35 -3.41
C GLY A 5 -12.26 -7.37 -3.10
N ALA A 6 -11.85 -8.29 -2.24
CA ALA A 6 -10.44 -8.40 -1.86
C ALA A 6 -9.55 -8.57 -3.10
N GLN A 7 -9.99 -9.44 -4.01
CA GLN A 7 -9.23 -9.69 -5.23
C GLN A 7 -9.09 -8.43 -6.07
N ARG A 8 -10.23 -7.80 -6.37
CA ARG A 8 -10.25 -6.58 -7.16
C ARG A 8 -9.35 -5.52 -6.54
N LYS A 9 -9.38 -5.43 -5.21
CA LYS A 9 -8.57 -4.46 -4.48
C LYS A 9 -7.10 -4.59 -4.85
N TRP A 10 -6.64 -5.83 -5.00
CA TRP A 10 -5.25 -6.10 -5.35
C TRP A 10 -4.85 -5.33 -6.62
N ALA A 11 -5.79 -5.20 -7.54
CA ALA A 11 -5.53 -4.49 -8.79
C ALA A 11 -5.01 -3.08 -8.53
N ALA A 12 -5.61 -2.41 -7.55
CA ALA A 12 -5.19 -1.06 -7.20
C ALA A 12 -3.70 -1.00 -6.91
N LEU A 13 -3.17 -2.05 -6.30
CA LEU A 13 -1.75 -2.12 -5.97
C LEU A 13 -0.89 -1.90 -7.21
N LYS A 14 -1.16 -2.68 -8.25
CA LYS A 14 -0.41 -2.56 -9.50
C LYS A 14 -0.60 -1.18 -10.12
N GLU A 15 -1.82 -0.66 -10.03
CA GLU A 15 -2.13 0.65 -10.58
C GLU A 15 -1.21 1.73 -10.01
N LYS A 16 -0.90 1.60 -8.72
CA LYS A 16 -0.03 2.55 -8.05
C LYS A 16 1.43 2.25 -8.34
N LEU A 17 1.75 0.97 -8.50
CA LEU A 17 3.12 0.54 -8.79
C LEU A 17 3.52 0.93 -10.20
N GLY A 18 4.77 1.35 -10.37
CA GLY A 18 5.25 1.74 -11.69
C GLY A 18 6.50 2.59 -11.61
N PRO A 19 6.34 3.84 -11.18
CA PRO A 19 7.45 4.79 -11.06
C PRO A 19 8.41 4.40 -9.93
N GLN A 20 9.59 5.03 -9.93
CA GLN A 20 10.59 4.75 -8.91
C GLN A 20 10.59 5.83 -7.83
N ASP A 21 9.41 6.08 -7.26
CA ASP A 21 9.27 7.09 -6.21
C ASP A 21 9.33 6.45 -4.83
N SER A 22 9.23 7.28 -3.79
CA SER A 22 9.29 6.79 -2.42
C SER A 22 8.10 5.88 -2.11
N ASP A 23 8.25 5.05 -1.10
CA ASP A 23 7.20 4.12 -0.70
C ASP A 23 6.46 4.65 0.52
N PRO A 24 5.15 4.33 0.61
CA PRO A 24 4.30 4.76 1.71
C PRO A 24 4.65 4.05 3.02
N THR A 25 5.01 2.77 2.92
CA THR A 25 5.37 1.99 4.09
C THR A 25 6.56 2.59 4.82
N GLU A 26 7.50 3.14 4.05
CA GLU A 26 8.69 3.75 4.62
C GLU A 26 8.33 4.98 5.44
N ALA A 27 7.43 5.80 4.91
CA ALA A 27 7.00 7.01 5.60
C ALA A 27 6.35 6.67 6.94
N ASN A 28 5.39 5.76 6.92
CA ASN A 28 4.69 5.36 8.14
C ASN A 28 5.69 4.84 9.19
N LEU A 29 6.62 4.01 8.75
CA LEU A 29 7.63 3.46 9.64
C LEU A 29 8.37 4.56 10.39
N GLU A 30 8.93 5.51 9.63
CA GLU A 30 9.67 6.61 10.22
C GLU A 30 8.81 7.36 11.24
N SER A 31 7.53 7.52 10.93
CA SER A 31 6.60 8.21 11.81
C SER A 31 6.13 7.29 12.93
N ALA A 32 7.00 7.06 13.90
CA ALA A 32 6.67 6.20 15.03
C ALA A 32 5.88 6.96 16.09
N ASP A 33 5.47 6.26 17.13
CA ASP A 33 4.69 6.86 18.21
C ASP A 33 5.60 7.68 19.13
N PRO A 34 5.06 8.79 19.66
CA PRO A 34 5.79 9.69 20.55
C PRO A 34 6.07 9.05 21.91
N GLU A 35 5.13 8.23 22.38
CA GLU A 35 5.28 7.56 23.67
C GLU A 35 4.63 6.19 23.64
N SER A 1 -17.78 -13.88 -5.79
CA SER A 1 -18.39 -12.61 -5.38
C SER A 1 -17.56 -11.94 -4.30
N VAL A 2 -17.30 -12.67 -3.22
CA VAL A 2 -16.51 -12.14 -2.11
C VAL A 2 -15.01 -12.23 -2.40
N LYS A 3 -14.55 -13.43 -2.72
CA LYS A 3 -13.14 -13.64 -3.02
C LYS A 3 -12.78 -13.07 -4.39
N GLU A 4 -13.54 -13.46 -5.41
CA GLU A 4 -13.30 -12.99 -6.76
C GLU A 4 -13.43 -11.47 -6.83
N GLY A 5 -14.48 -10.94 -6.21
CA GLY A 5 -14.71 -9.51 -6.22
C GLY A 5 -13.51 -8.74 -5.71
N ALA A 6 -12.85 -9.26 -4.69
CA ALA A 6 -11.69 -8.60 -4.11
C ALA A 6 -10.59 -8.41 -5.16
N GLN A 7 -10.42 -9.41 -6.02
CA GLN A 7 -9.42 -9.36 -7.07
C GLN A 7 -9.54 -8.07 -7.88
N ARG A 8 -10.76 -7.76 -8.30
CA ARG A 8 -11.02 -6.55 -9.08
C ARG A 8 -10.50 -5.32 -8.36
N LYS A 9 -10.88 -5.18 -7.10
CA LYS A 9 -10.46 -4.04 -6.29
C LYS A 9 -8.94 -4.02 -6.12
N TRP A 10 -8.35 -5.19 -5.92
CA TRP A 10 -6.92 -5.30 -5.75
C TRP A 10 -6.18 -4.64 -6.91
N ALA A 11 -6.74 -4.76 -8.11
CA ALA A 11 -6.14 -4.16 -9.29
C ALA A 11 -5.85 -2.68 -9.08
N ALA A 12 -6.75 -2.00 -8.39
CA ALA A 12 -6.59 -0.58 -8.12
C ALA A 12 -5.27 -0.30 -7.40
N LEU A 13 -4.90 -1.20 -6.49
CA LEU A 13 -3.67 -1.06 -5.73
C LEU A 13 -2.47 -0.84 -6.66
N LYS A 14 -2.40 -1.66 -7.71
CA LYS A 14 -1.31 -1.56 -8.68
C LYS A 14 -1.39 -0.26 -9.46
N GLU A 15 -2.60 0.07 -9.93
CA GLU A 15 -2.82 1.29 -10.68
C GLU A 15 -2.25 2.51 -9.94
N LYS A 16 -2.42 2.50 -8.62
CA LYS A 16 -1.93 3.60 -7.79
C LYS A 16 -0.45 3.42 -7.47
N LEU A 17 -0.03 2.17 -7.32
CA LEU A 17 1.36 1.86 -7.00
C LEU A 17 2.26 2.11 -8.21
N GLY A 18 2.83 3.30 -8.29
CA GLY A 18 3.71 3.63 -9.40
C GLY A 18 5.04 2.91 -9.32
N PRO A 19 5.89 3.33 -8.37
CA PRO A 19 7.21 2.74 -8.17
C PRO A 19 7.13 1.32 -7.61
N GLN A 20 8.25 0.60 -7.67
CA GLN A 20 8.31 -0.77 -7.18
C GLN A 20 8.37 -0.79 -5.66
N ASP A 21 9.23 0.06 -5.10
CA ASP A 21 9.38 0.14 -3.64
C ASP A 21 8.60 1.32 -3.07
N SER A 22 8.62 1.45 -1.75
CA SER A 22 7.91 2.53 -1.08
C SER A 22 8.87 3.67 -0.75
N ASP A 23 8.34 4.69 -0.06
CA ASP A 23 9.14 5.84 0.33
C ASP A 23 9.83 5.61 1.67
N PRO A 24 11.02 6.19 1.84
CA PRO A 24 11.80 6.06 3.07
C PRO A 24 11.17 6.79 4.24
N THR A 25 10.67 7.99 3.98
CA THR A 25 10.04 8.81 5.01
C THR A 25 8.88 8.06 5.66
N GLU A 26 8.16 7.29 4.86
CA GLU A 26 7.02 6.53 5.36
C GLU A 26 7.46 5.54 6.44
N ALA A 27 8.51 4.78 6.15
CA ALA A 27 9.03 3.81 7.10
C ALA A 27 9.34 4.45 8.45
N ASN A 28 10.05 5.58 8.42
CA ASN A 28 10.40 6.31 9.63
C ASN A 28 9.15 6.70 10.41
N LEU A 29 8.12 7.11 9.70
CA LEU A 29 6.86 7.52 10.32
C LEU A 29 6.21 6.35 11.05
N GLU A 30 6.19 5.19 10.40
CA GLU A 30 5.60 3.99 10.99
C GLU A 30 6.21 3.70 12.35
N SER A 31 7.54 3.63 12.40
CA SER A 31 8.25 3.36 13.65
C SER A 31 8.90 4.62 14.20
N ALA A 32 8.06 5.59 14.56
CA ALA A 32 8.55 6.86 15.10
C ALA A 32 8.55 6.83 16.63
N ASP A 33 9.18 7.84 17.23
CA ASP A 33 9.27 7.93 18.69
C ASP A 33 7.90 8.22 19.29
N PRO A 34 7.65 7.67 20.49
CA PRO A 34 6.38 7.86 21.19
C PRO A 34 6.21 9.28 21.71
N GLU A 35 7.32 9.91 22.09
CA GLU A 35 7.29 11.27 22.60
C GLU A 35 6.37 11.39 23.81
N SER A 1 -16.62 -9.12 2.34
CA SER A 1 -15.49 -9.86 2.88
C SER A 1 -14.31 -8.93 3.15
N VAL A 2 -13.63 -9.15 4.28
CA VAL A 2 -12.49 -8.35 4.65
C VAL A 2 -11.29 -8.62 3.75
N LYS A 3 -11.10 -9.90 3.41
CA LYS A 3 -9.99 -10.30 2.55
C LYS A 3 -10.12 -9.68 1.17
N GLU A 4 -11.29 -9.84 0.54
CA GLU A 4 -11.53 -9.28 -0.78
C GLU A 4 -11.37 -7.77 -0.77
N GLY A 5 -11.90 -7.12 0.27
CA GLY A 5 -11.80 -5.68 0.37
C GLY A 5 -10.37 -5.19 0.32
N ALA A 6 -9.51 -5.83 1.11
CA ALA A 6 -8.10 -5.45 1.16
C ALA A 6 -7.45 -5.59 -0.21
N GLN A 7 -7.72 -6.71 -0.88
CA GLN A 7 -7.15 -6.95 -2.21
C GLN A 7 -7.46 -5.80 -3.15
N ARG A 8 -8.73 -5.42 -3.23
CA ARG A 8 -9.15 -4.33 -4.09
C ARG A 8 -8.33 -3.08 -3.83
N LYS A 9 -8.01 -2.83 -2.56
CA LYS A 9 -7.23 -1.67 -2.19
C LYS A 9 -5.77 -1.84 -2.57
N TRP A 10 -5.26 -3.07 -2.43
CA TRP A 10 -3.88 -3.37 -2.76
C TRP A 10 -3.57 -2.99 -4.21
N ALA A 11 -4.54 -3.23 -5.09
CA ALA A 11 -4.37 -2.92 -6.50
C ALA A 11 -3.91 -1.47 -6.70
N ALA A 12 -4.58 -0.55 -6.00
CA ALA A 12 -4.24 0.87 -6.08
C ALA A 12 -2.75 1.10 -5.81
N LEU A 13 -2.21 0.33 -4.88
CA LEU A 13 -0.80 0.45 -4.52
C LEU A 13 0.09 0.35 -5.76
N LYS A 14 0.00 -0.79 -6.45
CA LYS A 14 0.79 -1.00 -7.66
C LYS A 14 0.55 0.10 -8.68
N GLU A 15 -0.71 0.52 -8.82
CA GLU A 15 -1.06 1.57 -9.76
C GLU A 15 -0.26 2.84 -9.48
N LYS A 16 -0.06 3.13 -8.20
CA LYS A 16 0.69 4.31 -7.80
C LYS A 16 2.16 4.17 -8.13
N LEU A 17 2.67 2.94 -8.06
CA LEU A 17 4.07 2.67 -8.36
C LEU A 17 4.38 2.99 -9.81
N GLY A 18 5.67 3.05 -10.15
CA GLY A 18 6.08 3.34 -11.50
C GLY A 18 7.60 3.40 -11.65
N PRO A 19 8.20 4.48 -11.15
CA PRO A 19 9.65 4.68 -11.22
C PRO A 19 10.41 3.71 -10.32
N GLN A 20 11.72 3.62 -10.52
CA GLN A 20 12.56 2.73 -9.73
C GLN A 20 12.48 3.08 -8.25
N ASP A 21 12.81 4.32 -7.92
CA ASP A 21 12.78 4.79 -6.54
C ASP A 21 11.35 4.87 -6.03
N SER A 22 10.97 3.89 -5.22
CA SER A 22 9.61 3.85 -4.66
C SER A 22 9.35 5.06 -3.79
N ASP A 23 8.09 5.25 -3.41
CA ASP A 23 7.69 6.37 -2.57
C ASP A 23 7.84 6.03 -1.09
N PRO A 24 8.17 7.04 -0.27
CA PRO A 24 8.35 6.87 1.16
C PRO A 24 7.04 6.59 1.89
N THR A 25 5.98 7.27 1.46
CA THR A 25 4.66 7.09 2.07
C THR A 25 4.21 5.63 1.99
N GLU A 26 4.56 4.97 0.90
CA GLU A 26 4.20 3.57 0.71
C GLU A 26 4.69 2.72 1.87
N ALA A 27 5.94 2.93 2.28
CA ALA A 27 6.52 2.19 3.38
C ALA A 27 5.70 2.34 4.65
N ASN A 28 5.27 3.57 4.93
CA ASN A 28 4.46 3.85 6.12
C ASN A 28 3.16 3.06 6.09
N LEU A 29 2.54 2.99 4.92
CA LEU A 29 1.28 2.27 4.76
C LEU A 29 1.41 0.83 5.25
N GLU A 30 2.47 0.15 4.79
CA GLU A 30 2.70 -1.23 5.19
C GLU A 30 2.70 -1.37 6.71
N SER A 31 3.31 -0.40 7.38
CA SER A 31 3.38 -0.41 8.84
C SER A 31 2.02 -0.14 9.46
N ALA A 32 1.27 -1.20 9.74
CA ALA A 32 -0.05 -1.07 10.33
C ALA A 32 0.03 -0.46 11.74
N ASP A 33 -0.94 0.37 12.08
CA ASP A 33 -0.99 1.00 13.38
C ASP A 33 -1.85 0.21 14.36
N PRO A 34 -1.47 0.21 15.64
CA PRO A 34 -2.18 -0.50 16.69
C PRO A 34 -3.54 0.13 17.00
N GLU A 35 -3.60 1.46 16.91
CA GLU A 35 -4.84 2.19 17.18
C GLU A 35 -5.35 2.86 15.92
N SER A 1 -18.03 -9.88 1.03
CA SER A 1 -17.76 -8.67 1.77
C SER A 1 -16.35 -8.67 2.33
N VAL A 2 -15.93 -9.82 2.87
CA VAL A 2 -14.59 -9.95 3.43
C VAL A 2 -13.57 -10.36 2.36
N LYS A 3 -13.89 -11.42 1.64
CA LYS A 3 -13.00 -11.90 0.59
C LYS A 3 -12.69 -10.80 -0.42
N GLU A 4 -13.68 -9.97 -0.69
CA GLU A 4 -13.51 -8.86 -1.64
C GLU A 4 -12.46 -7.88 -1.14
N GLY A 5 -12.42 -7.68 0.18
CA GLY A 5 -11.45 -6.76 0.76
C GLY A 5 -10.03 -7.13 0.41
N ALA A 6 -9.76 -8.43 0.31
CA ALA A 6 -8.42 -8.91 -0.02
C ALA A 6 -8.04 -8.53 -1.45
N GLN A 7 -8.94 -8.77 -2.39
CA GLN A 7 -8.69 -8.46 -3.79
C GLN A 7 -8.25 -7.00 -3.95
N ARG A 8 -8.85 -6.12 -3.16
CA ARG A 8 -8.51 -4.70 -3.21
C ARG A 8 -7.06 -4.46 -2.81
N LYS A 9 -6.61 -5.19 -1.79
CA LYS A 9 -5.24 -5.07 -1.31
C LYS A 9 -4.24 -5.27 -2.45
N TRP A 10 -4.57 -6.17 -3.37
CA TRP A 10 -3.69 -6.44 -4.50
C TRP A 10 -3.36 -5.17 -5.26
N ALA A 11 -4.34 -4.26 -5.35
CA ALA A 11 -4.15 -3.00 -6.04
C ALA A 11 -2.93 -2.25 -5.51
N ALA A 12 -2.83 -2.17 -4.18
CA ALA A 12 -1.70 -1.49 -3.54
C ALA A 12 -0.37 -2.02 -4.07
N LEU A 13 -0.32 -3.32 -4.33
CA LEU A 13 0.90 -3.95 -4.82
C LEU A 13 1.40 -3.25 -6.08
N LYS A 14 0.52 -3.13 -7.07
CA LYS A 14 0.86 -2.47 -8.33
C LYS A 14 1.24 -1.02 -8.09
N GLU A 15 0.51 -0.34 -7.21
CA GLU A 15 0.77 1.05 -6.90
C GLU A 15 2.22 1.25 -6.47
N LYS A 16 2.76 0.27 -5.74
CA LYS A 16 4.14 0.34 -5.27
C LYS A 16 5.12 0.15 -6.42
N LEU A 17 4.73 -0.67 -7.40
CA LEU A 17 5.57 -0.94 -8.56
C LEU A 17 5.48 0.19 -9.57
N GLY A 18 6.49 1.06 -9.57
CA GLY A 18 6.51 2.18 -10.50
C GLY A 18 7.55 3.22 -10.14
N PRO A 19 7.31 3.95 -9.05
CA PRO A 19 8.23 5.00 -8.58
C PRO A 19 9.52 4.42 -8.02
N GLN A 20 10.52 5.28 -7.83
CA GLN A 20 11.81 4.85 -7.30
C GLN A 20 12.15 5.60 -6.02
N ASP A 21 11.79 6.88 -5.98
CA ASP A 21 12.06 7.70 -4.81
C ASP A 21 10.77 7.97 -4.03
N SER A 22 10.32 6.96 -3.30
CA SER A 22 9.10 7.09 -2.50
C SER A 22 9.29 8.07 -1.35
N ASP A 23 8.30 8.92 -1.15
CA ASP A 23 8.36 9.92 -0.08
C ASP A 23 8.02 9.29 1.26
N PRO A 24 8.64 9.82 2.33
CA PRO A 24 8.42 9.32 3.69
C PRO A 24 7.03 9.65 4.22
N THR A 25 6.52 10.82 3.86
CA THR A 25 5.21 11.26 4.28
C THR A 25 4.11 10.42 3.63
N GLU A 26 4.34 10.03 2.38
CA GLU A 26 3.37 9.23 1.64
C GLU A 26 3.40 7.77 2.11
N ALA A 27 4.61 7.26 2.36
CA ALA A 27 4.79 5.89 2.81
C ALA A 27 4.03 5.64 4.10
N ASN A 28 4.04 6.62 5.00
CA ASN A 28 3.36 6.50 6.27
C ASN A 28 1.85 6.40 6.08
N LEU A 29 1.32 7.19 5.14
CA LEU A 29 -0.10 7.19 4.84
C LEU A 29 -0.54 5.85 4.25
N GLU A 30 0.28 5.31 3.35
CA GLU A 30 -0.03 4.03 2.71
C GLU A 30 0.13 2.89 3.70
N SER A 31 1.20 2.93 4.48
CA SER A 31 1.48 1.89 5.46
C SER A 31 0.92 2.26 6.83
N ALA A 32 -0.29 1.82 7.11
CA ALA A 32 -0.95 2.10 8.38
C ALA A 32 -0.40 1.22 9.49
N ASP A 33 0.60 1.71 10.20
CA ASP A 33 1.21 0.95 11.29
C ASP A 33 0.21 0.76 12.44
N PRO A 34 0.32 -0.40 13.11
CA PRO A 34 -0.56 -0.73 14.23
C PRO A 34 -0.29 0.12 15.47
N GLU A 35 0.99 0.38 15.73
CA GLU A 35 1.37 1.19 16.87
C GLU A 35 2.12 2.45 16.43
N SER A 1 -19.41 -6.12 -0.71
CA SER A 1 -18.53 -6.83 -1.63
C SER A 1 -17.13 -6.98 -1.04
N VAL A 2 -16.90 -8.10 -0.35
CA VAL A 2 -15.60 -8.36 0.26
C VAL A 2 -14.71 -9.18 -0.66
N LYS A 3 -15.31 -10.16 -1.34
CA LYS A 3 -14.57 -11.00 -2.26
C LYS A 3 -13.79 -10.18 -3.28
N GLU A 4 -14.44 -9.14 -3.80
CA GLU A 4 -13.81 -8.26 -4.78
C GLU A 4 -12.87 -7.26 -4.10
N GLY A 5 -13.28 -6.79 -2.91
CA GLY A 5 -12.47 -5.84 -2.18
C GLY A 5 -11.06 -6.33 -1.96
N ALA A 6 -10.91 -7.61 -1.63
CA ALA A 6 -9.60 -8.20 -1.39
C ALA A 6 -8.69 -7.99 -2.59
N GLN A 7 -9.26 -8.07 -3.78
CA GLN A 7 -8.49 -7.90 -5.02
C GLN A 7 -7.85 -6.52 -5.06
N ARG A 8 -8.67 -5.48 -4.87
CA ARG A 8 -8.18 -4.11 -4.90
C ARG A 8 -7.05 -3.91 -3.89
N LYS A 9 -7.16 -4.57 -2.75
CA LYS A 9 -6.14 -4.47 -1.71
C LYS A 9 -4.79 -4.97 -2.21
N TRP A 10 -4.82 -6.08 -2.95
CA TRP A 10 -3.59 -6.66 -3.50
C TRP A 10 -2.80 -5.61 -4.27
N ALA A 11 -3.50 -4.74 -4.98
CA ALA A 11 -2.85 -3.69 -5.76
C ALA A 11 -1.87 -2.89 -4.90
N ALA A 12 -2.27 -2.60 -3.66
CA ALA A 12 -1.42 -1.86 -2.75
C ALA A 12 -0.08 -2.53 -2.57
N LEU A 13 -0.08 -3.86 -2.55
CA LEU A 13 1.15 -4.63 -2.38
C LEU A 13 2.13 -4.35 -3.52
N LYS A 14 1.67 -4.51 -4.75
CA LYS A 14 2.50 -4.26 -5.93
C LYS A 14 3.01 -2.83 -5.94
N GLU A 15 2.13 -1.88 -5.58
CA GLU A 15 2.50 -0.48 -5.56
C GLU A 15 3.72 -0.25 -4.68
N LYS A 16 3.77 -0.93 -3.54
CA LYS A 16 4.88 -0.80 -2.61
C LYS A 16 6.16 -1.35 -3.22
N LEU A 17 6.02 -2.39 -4.05
CA LEU A 17 7.18 -3.00 -4.70
C LEU A 17 7.70 -2.11 -5.82
N GLY A 18 6.79 -1.52 -6.58
CA GLY A 18 7.18 -0.66 -7.68
C GLY A 18 6.26 0.53 -7.83
N PRO A 19 6.38 1.49 -6.90
CA PRO A 19 5.57 2.71 -6.90
C PRO A 19 5.94 3.65 -8.05
N GLN A 20 5.07 4.63 -8.31
CA GLN A 20 5.31 5.59 -9.38
C GLN A 20 5.66 6.96 -8.81
N ASP A 21 4.69 7.59 -8.16
CA ASP A 21 4.89 8.90 -7.56
C ASP A 21 5.21 8.80 -6.08
N SER A 22 6.43 9.16 -5.71
CA SER A 22 6.86 9.08 -4.32
C SER A 22 6.21 10.19 -3.49
N ASP A 23 5.12 9.84 -2.80
CA ASP A 23 4.41 10.80 -1.97
C ASP A 23 4.86 10.70 -0.52
N PRO A 24 4.84 11.84 0.19
CA PRO A 24 5.23 11.91 1.60
C PRO A 24 4.23 11.20 2.52
N THR A 25 2.95 11.37 2.22
CA THR A 25 1.90 10.75 3.02
C THR A 25 2.07 9.24 3.08
N GLU A 26 2.44 8.65 1.95
CA GLU A 26 2.64 7.20 1.88
C GLU A 26 3.73 6.75 2.85
N ALA A 27 4.77 7.56 2.98
CA ALA A 27 5.87 7.25 3.88
C ALA A 27 5.38 7.04 5.30
N ASN A 28 4.43 7.88 5.72
CA ASN A 28 3.87 7.79 7.07
C ASN A 28 2.96 6.58 7.20
N LEU A 29 2.19 6.31 6.15
CA LEU A 29 1.26 5.19 6.14
C LEU A 29 2.00 3.88 6.41
N GLU A 30 2.95 3.55 5.54
CA GLU A 30 3.72 2.33 5.69
C GLU A 30 4.50 2.32 7.00
N SER A 31 4.98 3.50 7.39
CA SER A 31 5.75 3.64 8.63
C SER A 31 4.84 4.07 9.79
N ALA A 32 3.91 3.20 10.15
CA ALA A 32 2.98 3.50 11.24
C ALA A 32 3.59 3.16 12.59
N ASP A 33 4.38 2.08 12.63
CA ASP A 33 5.02 1.65 13.86
C ASP A 33 6.42 2.24 13.97
N PRO A 34 6.85 2.54 15.21
CA PRO A 34 8.16 3.11 15.49
C PRO A 34 9.29 2.11 15.24
N GLU A 35 9.07 0.86 15.64
CA GLU A 35 10.06 -0.19 15.45
C GLU A 35 10.31 -0.46 13.97
N SER A 1 -21.23 -10.76 -11.78
CA SER A 1 -19.91 -11.38 -11.77
C SER A 1 -19.27 -11.28 -10.39
N VAL A 2 -19.34 -12.37 -9.64
CA VAL A 2 -18.76 -12.40 -8.30
C VAL A 2 -17.25 -12.54 -8.35
N LYS A 3 -16.76 -13.35 -9.29
CA LYS A 3 -15.33 -13.56 -9.44
C LYS A 3 -14.59 -12.24 -9.62
N GLU A 4 -15.09 -11.41 -10.53
CA GLU A 4 -14.48 -10.10 -10.79
C GLU A 4 -14.51 -9.23 -9.54
N GLY A 5 -15.66 -9.20 -8.87
CA GLY A 5 -15.80 -8.40 -7.66
C GLY A 5 -14.71 -8.69 -6.65
N ALA A 6 -14.31 -9.96 -6.57
CA ALA A 6 -13.26 -10.36 -5.63
C ALA A 6 -11.90 -9.89 -6.10
N GLN A 7 -11.67 -9.91 -7.41
CA GLN A 7 -10.40 -9.48 -7.98
C GLN A 7 -10.16 -8.00 -7.71
N ARG A 8 -11.20 -7.20 -7.90
CA ARG A 8 -11.09 -5.76 -7.68
C ARG A 8 -10.52 -5.45 -6.29
N LYS A 9 -11.16 -5.98 -5.26
CA LYS A 9 -10.71 -5.77 -3.89
C LYS A 9 -9.25 -6.16 -3.74
N TRP A 10 -8.86 -7.24 -4.37
CA TRP A 10 -7.48 -7.72 -4.31
C TRP A 10 -6.51 -6.61 -4.70
N ALA A 11 -6.90 -5.78 -5.66
CA ALA A 11 -6.06 -4.69 -6.13
C ALA A 11 -5.64 -3.80 -4.95
N ALA A 12 -6.58 -3.50 -4.07
CA ALA A 12 -6.30 -2.67 -2.91
C ALA A 12 -5.12 -3.21 -2.11
N LEU A 13 -5.03 -4.54 -2.00
CA LEU A 13 -3.95 -5.17 -1.27
C LEU A 13 -2.62 -5.00 -1.99
N LYS A 14 -2.65 -5.19 -3.31
CA LYS A 14 -1.44 -5.05 -4.13
C LYS A 14 -0.92 -3.61 -4.09
N GLU A 15 -1.84 -2.66 -4.21
CA GLU A 15 -1.47 -1.25 -4.19
C GLU A 15 -0.69 -0.90 -2.94
N LYS A 16 -1.10 -1.48 -1.81
CA LYS A 16 -0.42 -1.23 -0.54
C LYS A 16 0.86 -2.06 -0.43
N LEU A 17 0.83 -3.25 -1.02
CA LEU A 17 1.99 -4.14 -0.98
C LEU A 17 3.00 -3.75 -2.07
N GLY A 18 4.03 -3.01 -1.68
CA GLY A 18 5.04 -2.60 -2.61
C GLY A 18 4.54 -1.54 -3.59
N PRO A 19 4.28 -0.33 -3.06
CA PRO A 19 3.79 0.79 -3.88
C PRO A 19 4.84 1.32 -4.85
N GLN A 20 4.41 2.12 -5.80
CA GLN A 20 5.32 2.70 -6.79
C GLN A 20 5.87 4.04 -6.32
N ASP A 21 4.96 4.92 -5.89
CA ASP A 21 5.35 6.24 -5.41
C ASP A 21 5.48 6.25 -3.89
N SER A 22 6.72 6.31 -3.41
CA SER A 22 6.99 6.31 -1.98
C SER A 22 7.13 7.74 -1.46
N ASP A 23 6.71 7.97 -0.23
CA ASP A 23 6.80 9.29 0.39
C ASP A 23 8.00 9.37 1.32
N PRO A 24 8.58 10.57 1.41
CA PRO A 24 9.75 10.83 2.27
C PRO A 24 9.41 10.76 3.75
N THR A 25 8.22 11.25 4.10
CA THR A 25 7.78 11.24 5.49
C THR A 25 7.64 9.82 6.03
N GLU A 26 7.06 8.94 5.21
CA GLU A 26 6.86 7.55 5.61
C GLU A 26 8.20 6.89 5.91
N ALA A 27 9.14 7.02 4.98
CA ALA A 27 10.47 6.44 5.16
C ALA A 27 11.16 6.98 6.41
N ASN A 28 11.21 8.30 6.52
CA ASN A 28 11.84 8.94 7.67
C ASN A 28 11.20 8.45 8.98
N LEU A 29 9.90 8.24 8.95
CA LEU A 29 9.16 7.78 10.12
C LEU A 29 9.61 6.38 10.53
N GLU A 30 9.79 5.51 9.54
CA GLU A 30 10.21 4.15 9.79
C GLU A 30 11.60 4.12 10.43
N SER A 31 12.48 5.01 9.98
CA SER A 31 13.83 5.10 10.52
C SER A 31 13.84 5.71 11.91
N ALA A 32 15.04 5.92 12.44
CA ALA A 32 15.18 6.51 13.78
C ALA A 32 14.42 7.82 13.88
N ASP A 33 13.42 7.86 14.76
CA ASP A 33 12.62 9.06 14.96
C ASP A 33 13.44 10.17 15.59
N PRO A 34 13.14 11.42 15.21
CA PRO A 34 13.84 12.60 15.73
C PRO A 34 13.53 12.86 17.20
N GLU A 35 12.27 12.63 17.58
CA GLU A 35 11.84 12.84 18.96
C GLU A 35 12.50 11.83 19.90
N SER A 1 -19.54 -15.72 -5.81
CA SER A 1 -18.13 -15.53 -5.45
C SER A 1 -17.70 -14.09 -5.70
N VAL A 2 -18.47 -13.15 -5.18
CA VAL A 2 -18.17 -11.73 -5.34
C VAL A 2 -17.06 -11.30 -4.39
N LYS A 3 -17.07 -11.84 -3.18
CA LYS A 3 -16.06 -11.51 -2.18
C LYS A 3 -14.66 -11.83 -2.69
N GLU A 4 -14.53 -12.97 -3.36
CA GLU A 4 -13.24 -13.39 -3.90
C GLU A 4 -12.94 -12.65 -5.21
N GLY A 5 -13.96 -12.45 -6.03
CA GLY A 5 -13.79 -11.75 -7.29
C GLY A 5 -13.18 -10.38 -7.12
N ALA A 6 -13.66 -9.65 -6.12
CA ALA A 6 -13.15 -8.31 -5.85
C ALA A 6 -11.69 -8.34 -5.45
N GLN A 7 -11.30 -9.36 -4.70
CA GLN A 7 -9.92 -9.51 -4.25
C GLN A 7 -8.97 -9.59 -5.45
N ARG A 8 -9.42 -10.24 -6.51
CA ARG A 8 -8.61 -10.40 -7.71
C ARG A 8 -8.38 -9.05 -8.38
N LYS A 9 -9.42 -8.21 -8.40
CA LYS A 9 -9.34 -6.90 -9.01
C LYS A 9 -8.47 -5.96 -8.18
N TRP A 10 -8.57 -6.09 -6.86
CA TRP A 10 -7.79 -5.26 -5.95
C TRP A 10 -6.30 -5.34 -6.27
N ALA A 11 -5.84 -6.53 -6.63
CA ALA A 11 -4.44 -6.74 -6.97
C ALA A 11 -3.98 -5.74 -8.03
N ALA A 12 -4.81 -5.56 -9.06
CA ALA A 12 -4.48 -4.63 -10.14
C ALA A 12 -4.18 -3.24 -9.60
N LEU A 13 -4.91 -2.84 -8.56
CA LEU A 13 -4.73 -1.53 -7.96
C LEU A 13 -3.30 -1.36 -7.46
N LYS A 14 -2.75 -2.41 -6.86
CA LYS A 14 -1.39 -2.37 -6.35
C LYS A 14 -0.39 -2.16 -7.48
N GLU A 15 -0.62 -2.83 -8.61
CA GLU A 15 0.26 -2.72 -9.76
C GLU A 15 0.34 -1.28 -10.24
N LYS A 16 -0.80 -0.59 -10.22
CA LYS A 16 -0.85 0.81 -10.66
C LYS A 16 -0.26 1.73 -9.60
N LEU A 17 -0.45 1.36 -8.34
CA LEU A 17 0.07 2.16 -7.23
C LEU A 17 1.47 1.71 -6.83
N GLY A 18 2.47 2.16 -7.58
CA GLY A 18 3.84 1.79 -7.29
C GLY A 18 4.81 2.92 -7.50
N PRO A 19 4.80 3.90 -6.59
CA PRO A 19 5.68 5.07 -6.65
C PRO A 19 7.14 4.72 -6.40
N GLN A 20 8.03 5.64 -6.72
CA GLN A 20 9.46 5.43 -6.52
C GLN A 20 10.02 6.38 -5.47
N ASP A 21 9.49 7.61 -5.44
CA ASP A 21 9.93 8.61 -4.49
C ASP A 21 9.37 8.32 -3.10
N SER A 22 10.04 7.44 -2.36
CA SER A 22 9.61 7.08 -1.02
C SER A 22 10.55 7.65 0.03
N ASP A 23 10.14 8.74 0.67
CA ASP A 23 10.94 9.38 1.69
C ASP A 23 10.95 8.56 2.98
N PRO A 24 12.06 8.61 3.71
CA PRO A 24 12.21 7.88 4.97
C PRO A 24 11.34 8.45 6.08
N THR A 25 11.18 9.76 6.10
CA THR A 25 10.37 10.43 7.10
C THR A 25 8.92 9.93 7.07
N GLU A 26 8.42 9.65 5.86
CA GLU A 26 7.06 9.17 5.70
C GLU A 26 6.94 7.72 6.18
N ALA A 27 7.95 6.92 5.88
CA ALA A 27 7.96 5.52 6.28
C ALA A 27 8.08 5.37 7.80
N ASN A 28 8.95 6.19 8.39
CA ASN A 28 9.15 6.16 9.85
C ASN A 28 7.84 6.37 10.59
N LEU A 29 7.04 7.32 10.10
CA LEU A 29 5.75 7.62 10.72
C LEU A 29 4.81 6.42 10.63
N GLU A 30 4.74 5.82 9.44
CA GLU A 30 3.88 4.66 9.23
C GLU A 30 4.26 3.52 10.17
N SER A 31 5.55 3.25 10.27
CA SER A 31 6.04 2.18 11.13
C SER A 31 5.90 2.55 12.60
N ALA A 32 6.14 1.59 13.48
CA ALA A 32 6.04 1.81 14.92
C ALA A 32 7.42 2.04 15.54
N ASP A 33 7.74 3.31 15.78
CA ASP A 33 9.03 3.66 16.36
C ASP A 33 9.18 3.05 17.75
N PRO A 34 10.41 2.67 18.10
CA PRO A 34 10.72 2.07 19.40
C PRO A 34 10.59 3.07 20.55
N GLU A 35 10.96 4.32 20.29
CA GLU A 35 10.88 5.36 21.31
C GLU A 35 10.42 6.68 20.70
N SER A 1 -18.67 -14.73 -3.14
CA SER A 1 -18.08 -13.97 -2.04
C SER A 1 -16.56 -13.89 -2.19
N VAL A 2 -15.94 -15.02 -2.50
CA VAL A 2 -14.49 -15.07 -2.68
C VAL A 2 -14.05 -14.19 -3.84
N LYS A 3 -14.65 -14.40 -5.00
CA LYS A 3 -14.32 -13.63 -6.19
C LYS A 3 -14.43 -12.13 -5.92
N GLU A 4 -15.53 -11.74 -5.30
CA GLU A 4 -15.77 -10.33 -4.98
C GLU A 4 -14.64 -9.78 -4.12
N GLY A 5 -14.29 -10.51 -3.06
CA GLY A 5 -13.23 -10.08 -2.17
C GLY A 5 -11.91 -9.92 -2.89
N ALA A 6 -11.64 -10.79 -3.86
CA ALA A 6 -10.40 -10.73 -4.62
C ALA A 6 -10.19 -9.34 -5.21
N GLN A 7 -11.20 -8.84 -5.90
CA GLN A 7 -11.12 -7.52 -6.53
C GLN A 7 -10.72 -6.46 -5.50
N ARG A 8 -11.44 -6.42 -4.39
CA ARG A 8 -11.16 -5.45 -3.33
C ARG A 8 -9.74 -5.62 -2.80
N LYS A 9 -9.33 -6.88 -2.64
CA LYS A 9 -7.99 -7.19 -2.14
C LYS A 9 -6.93 -6.65 -3.07
N TRP A 10 -7.19 -6.71 -4.38
CA TRP A 10 -6.26 -6.22 -5.38
C TRP A 10 -5.85 -4.77 -5.10
N ALA A 11 -6.80 -3.98 -4.62
CA ALA A 11 -6.55 -2.59 -4.30
C ALA A 11 -5.35 -2.44 -3.38
N ALA A 12 -5.25 -3.34 -2.40
CA ALA A 12 -4.13 -3.31 -1.46
C ALA A 12 -2.79 -3.39 -2.17
N LEU A 13 -2.75 -4.17 -3.25
CA LEU A 13 -1.53 -4.33 -4.02
C LEU A 13 -0.97 -2.98 -4.45
N LYS A 14 -1.85 -2.09 -4.88
CA LYS A 14 -1.46 -0.76 -5.33
C LYS A 14 -0.63 -0.06 -4.26
N GLU A 15 -1.09 -0.14 -3.01
CA GLU A 15 -0.39 0.48 -1.89
C GLU A 15 1.07 0.07 -1.86
N LYS A 16 1.32 -1.22 -2.10
CA LYS A 16 2.69 -1.75 -2.11
C LYS A 16 3.39 -1.41 -3.42
N LEU A 17 2.63 -1.38 -4.50
CA LEU A 17 3.18 -1.07 -5.82
C LEU A 17 3.56 0.40 -5.92
N GLY A 18 4.70 0.67 -6.54
CA GLY A 18 5.15 2.04 -6.70
C GLY A 18 6.53 2.13 -7.33
N PRO A 19 6.96 3.35 -7.66
CA PRO A 19 8.26 3.60 -8.27
C PRO A 19 9.42 3.35 -7.31
N GLN A 20 10.63 3.27 -7.84
CA GLN A 20 11.81 3.04 -7.02
C GLN A 20 12.07 4.22 -6.09
N ASP A 21 11.79 5.42 -6.58
CA ASP A 21 12.00 6.63 -5.78
C ASP A 21 11.26 6.53 -4.45
N SER A 22 12.03 6.33 -3.38
CA SER A 22 11.46 6.21 -2.04
C SER A 22 11.71 7.48 -1.23
N ASP A 23 10.71 8.36 -1.21
CA ASP A 23 10.82 9.61 -0.46
C ASP A 23 10.75 9.37 1.04
N PRO A 24 11.46 10.20 1.81
CA PRO A 24 11.50 10.10 3.27
C PRO A 24 10.17 10.47 3.92
N THR A 25 9.47 11.43 3.32
CA THR A 25 8.19 11.88 3.83
C THR A 25 7.15 10.77 3.76
N GLU A 26 7.09 10.10 2.61
CA GLU A 26 6.13 9.01 2.42
C GLU A 26 6.59 7.75 3.15
N ALA A 27 7.89 7.52 3.17
CA ALA A 27 8.46 6.35 3.83
C ALA A 27 8.18 6.39 5.34
N ASN A 28 8.35 7.57 5.93
CA ASN A 28 8.12 7.75 7.36
C ASN A 28 6.68 7.42 7.73
N LEU A 29 5.73 7.87 6.91
CA LEU A 29 4.32 7.62 7.14
C LEU A 29 4.01 6.13 7.05
N GLU A 30 4.65 5.46 6.09
CA GLU A 30 4.44 4.03 5.89
C GLU A 30 4.71 3.25 7.18
N SER A 31 5.77 3.65 7.89
CA SER A 31 6.14 3.00 9.13
C SER A 31 5.06 3.17 10.19
N ALA A 32 4.89 2.16 11.04
CA ALA A 32 3.88 2.20 12.10
C ALA A 32 4.23 3.26 13.13
N ASP A 33 3.69 4.47 12.94
CA ASP A 33 3.94 5.57 13.86
C ASP A 33 3.35 5.26 15.24
N PRO A 34 4.03 5.74 16.29
CA PRO A 34 3.59 5.55 17.67
C PRO A 34 2.33 6.33 18.01
N GLU A 35 2.24 7.55 17.49
CA GLU A 35 1.09 8.40 17.74
C GLU A 35 0.37 8.72 16.43
N SER A 1 -14.06 -13.09 3.94
CA SER A 1 -12.68 -12.87 4.35
C SER A 1 -11.80 -12.52 3.16
N VAL A 2 -12.07 -13.16 2.02
CA VAL A 2 -11.31 -12.90 0.80
C VAL A 2 -11.40 -11.44 0.38
N LYS A 3 -12.60 -10.86 0.54
CA LYS A 3 -12.83 -9.47 0.17
C LYS A 3 -11.82 -8.56 0.87
N GLU A 4 -11.51 -8.88 2.13
CA GLU A 4 -10.56 -8.09 2.90
C GLU A 4 -9.15 -8.22 2.34
N GLY A 5 -8.81 -9.43 1.90
CA GLY A 5 -7.50 -9.68 1.35
C GLY A 5 -7.29 -9.01 0.00
N ALA A 6 -8.35 -9.00 -0.81
CA ALA A 6 -8.28 -8.39 -2.13
C ALA A 6 -7.81 -6.95 -2.05
N GLN A 7 -8.28 -6.23 -1.03
CA GLN A 7 -7.91 -4.83 -0.83
C GLN A 7 -6.40 -4.67 -0.84
N ARG A 8 -5.70 -5.45 -0.02
CA ARG A 8 -4.25 -5.38 0.05
C ARG A 8 -3.62 -5.54 -1.33
N LYS A 9 -4.17 -6.46 -2.12
CA LYS A 9 -3.66 -6.71 -3.46
C LYS A 9 -3.69 -5.44 -4.30
N TRP A 10 -4.77 -4.67 -4.18
CA TRP A 10 -4.92 -3.43 -4.93
C TRP A 10 -3.75 -2.49 -4.65
N ALA A 11 -3.29 -2.48 -3.41
CA ALA A 11 -2.17 -1.62 -3.01
C ALA A 11 -0.97 -1.84 -3.93
N ALA A 12 -0.65 -3.10 -4.18
CA ALA A 12 0.48 -3.45 -5.04
C ALA A 12 0.35 -2.80 -6.41
N LEU A 13 -0.88 -2.69 -6.90
CA LEU A 13 -1.14 -2.08 -8.19
C LEU A 13 -0.55 -0.67 -8.26
N LYS A 14 -0.71 0.08 -7.18
CA LYS A 14 -0.19 1.44 -7.10
C LYS A 14 1.33 1.44 -6.96
N GLU A 15 1.85 0.49 -6.20
CA GLU A 15 3.29 0.38 -5.99
C GLU A 15 4.03 0.35 -7.33
N LYS A 16 3.47 -0.37 -8.30
CA LYS A 16 4.08 -0.48 -9.62
C LYS A 16 4.02 0.85 -10.36
N LEU A 17 2.95 1.61 -10.12
CA LEU A 17 2.77 2.90 -10.76
C LEU A 17 3.75 3.93 -10.20
N GLY A 18 4.76 4.27 -11.00
CA GLY A 18 5.75 5.24 -10.56
C GLY A 18 7.12 4.62 -10.34
N PRO A 19 8.03 5.39 -9.76
CA PRO A 19 9.39 4.94 -9.48
C PRO A 19 9.44 3.88 -8.37
N GLN A 20 10.57 3.20 -8.25
CA GLN A 20 10.73 2.17 -7.22
C GLN A 20 10.80 2.79 -5.83
N ASP A 21 11.44 3.94 -5.74
CA ASP A 21 11.58 4.64 -4.46
C ASP A 21 10.54 5.76 -4.34
N SER A 22 9.57 5.55 -3.46
CA SER A 22 8.52 6.54 -3.24
C SER A 22 8.75 7.31 -1.95
N ASP A 23 7.83 8.22 -1.64
CA ASP A 23 7.92 9.02 -0.42
C ASP A 23 7.40 8.24 0.78
N PRO A 24 8.00 8.51 1.96
CA PRO A 24 7.61 7.85 3.20
C PRO A 24 6.23 8.29 3.70
N THR A 25 5.91 9.56 3.47
CA THR A 25 4.61 10.10 3.89
C THR A 25 3.47 9.28 3.30
N GLU A 26 3.65 8.81 2.08
CA GLU A 26 2.62 8.00 1.41
C GLU A 26 2.64 6.56 1.92
N ALA A 27 3.84 6.04 2.13
CA ALA A 27 4.01 4.67 2.61
C ALA A 27 3.41 4.50 4.00
N ASN A 28 3.66 5.48 4.87
CA ASN A 28 3.15 5.44 6.23
C ASN A 28 1.63 5.29 6.24
N LEU A 29 0.95 6.16 5.49
CA LEU A 29 -0.50 6.13 5.41
C LEU A 29 -1.00 4.74 5.03
N GLU A 30 -0.28 4.08 4.12
CA GLU A 30 -0.64 2.75 3.67
C GLU A 30 -0.67 1.77 4.85
N SER A 31 0.29 1.91 5.74
CA SER A 31 0.39 1.04 6.91
C SER A 31 -0.32 1.65 8.10
N ALA A 32 -1.47 1.08 8.47
CA ALA A 32 -2.24 1.57 9.60
C ALA A 32 -1.67 1.06 10.92
N ASP A 33 -1.56 -0.25 11.04
CA ASP A 33 -1.03 -0.86 12.26
C ASP A 33 0.49 -0.69 12.32
N PRO A 34 1.01 -0.54 13.56
CA PRO A 34 2.45 -0.36 13.79
C PRO A 34 3.24 -1.64 13.51
N GLU A 35 2.65 -2.78 13.86
CA GLU A 35 3.31 -4.07 13.65
C GLU A 35 3.51 -4.34 12.16
N SER A 1 -11.13 -10.67 5.18
CA SER A 1 -11.03 -9.24 4.84
C SER A 1 -11.03 -9.05 3.32
N VAL A 2 -12.22 -9.01 2.73
CA VAL A 2 -12.37 -8.83 1.30
C VAL A 2 -12.17 -7.36 0.90
N LYS A 3 -12.83 -6.48 1.63
CA LYS A 3 -12.73 -5.04 1.36
C LYS A 3 -11.31 -4.55 1.59
N GLU A 4 -10.72 -4.95 2.72
CA GLU A 4 -9.36 -4.54 3.06
C GLU A 4 -8.34 -5.30 2.23
N GLY A 5 -8.56 -6.61 2.07
CA GLY A 5 -7.66 -7.43 1.29
C GLY A 5 -7.44 -6.90 -0.12
N ALA A 6 -8.53 -6.49 -0.76
CA ALA A 6 -8.46 -5.95 -2.11
C ALA A 6 -7.63 -4.68 -2.16
N GLN A 7 -7.82 -3.81 -1.16
CA GLN A 7 -7.09 -2.56 -1.09
C GLN A 7 -5.59 -2.80 -0.93
N ARG A 8 -5.24 -3.73 -0.04
CA ARG A 8 -3.83 -4.06 0.20
C ARG A 8 -3.19 -4.63 -1.06
N LYS A 9 -3.86 -5.60 -1.67
CA LYS A 9 -3.35 -6.24 -2.89
C LYS A 9 -3.13 -5.20 -3.99
N TRP A 10 -4.04 -4.24 -4.06
CA TRP A 10 -3.96 -3.19 -5.08
C TRP A 10 -2.59 -2.50 -5.04
N ALA A 11 -2.06 -2.34 -3.84
CA ALA A 11 -0.76 -1.70 -3.66
C ALA A 11 0.30 -2.36 -4.54
N ALA A 12 0.20 -3.68 -4.69
CA ALA A 12 1.15 -4.43 -5.51
C ALA A 12 1.13 -3.95 -6.95
N LEU A 13 -0.06 -3.60 -7.43
CA LEU A 13 -0.21 -3.12 -8.80
C LEU A 13 0.42 -1.74 -8.98
N LYS A 14 0.25 -0.89 -7.98
CA LYS A 14 0.81 0.46 -8.02
C LYS A 14 2.32 0.42 -8.19
N GLU A 15 2.96 -0.56 -7.55
CA GLU A 15 4.41 -0.71 -7.64
C GLU A 15 4.86 -0.78 -9.10
N LYS A 16 4.10 -1.49 -9.91
CA LYS A 16 4.42 -1.64 -11.33
C LYS A 16 3.89 -0.46 -12.13
N LEU A 17 2.75 0.07 -11.71
CA LEU A 17 2.14 1.21 -12.38
C LEU A 17 2.66 2.53 -11.82
N GLY A 18 3.68 3.08 -12.48
CA GLY A 18 4.26 4.34 -12.04
C GLY A 18 5.66 4.16 -11.50
N PRO A 19 6.28 5.28 -11.08
CA PRO A 19 7.63 5.27 -10.54
C PRO A 19 7.71 4.62 -9.16
N GLN A 20 8.92 4.30 -8.72
CA GLN A 20 9.12 3.66 -7.42
C GLN A 20 9.46 4.70 -6.36
N ASP A 21 8.48 5.53 -6.01
CA ASP A 21 8.67 6.57 -5.00
C ASP A 21 8.12 6.12 -3.65
N SER A 22 8.91 6.30 -2.61
CA SER A 22 8.49 5.91 -1.26
C SER A 22 7.23 6.66 -0.84
N ASP A 23 6.09 5.99 -0.96
CA ASP A 23 4.81 6.59 -0.60
C ASP A 23 4.41 6.19 0.82
N PRO A 24 3.70 7.10 1.51
CA PRO A 24 3.25 6.89 2.88
C PRO A 24 2.14 5.82 2.96
N THR A 25 1.28 5.80 1.95
CA THR A 25 0.19 4.84 1.91
C THR A 25 0.71 3.40 2.02
N GLU A 26 1.69 3.08 1.17
CA GLU A 26 2.27 1.75 1.18
C GLU A 26 3.20 1.55 2.37
N ALA A 27 3.96 2.60 2.71
CA ALA A 27 4.88 2.55 3.84
C ALA A 27 4.16 2.15 5.12
N ASN A 28 2.92 2.62 5.26
CA ASN A 28 2.12 2.30 6.45
C ASN A 28 1.99 0.80 6.64
N LEU A 29 1.89 0.07 5.54
CA LEU A 29 1.77 -1.38 5.59
C LEU A 29 2.89 -2.00 6.44
N GLU A 30 4.08 -1.42 6.32
CA GLU A 30 5.23 -1.92 7.09
C GLU A 30 5.02 -1.70 8.58
N SER A 31 4.73 -0.46 8.96
CA SER A 31 4.51 -0.12 10.37
C SER A 31 3.39 -0.98 10.97
N ALA A 32 3.56 -1.36 12.23
CA ALA A 32 2.56 -2.17 12.92
C ALA A 32 1.25 -1.41 13.09
N ASP A 33 1.29 -0.32 13.84
CA ASP A 33 0.10 0.50 14.07
C ASP A 33 -0.05 1.56 12.99
N PRO A 34 -1.31 1.87 12.65
CA PRO A 34 -1.62 2.88 11.62
C PRO A 34 -1.28 4.29 12.08
N GLU A 35 -1.50 4.56 13.36
CA GLU A 35 -1.22 5.89 13.92
C GLU A 35 0.28 6.13 14.00
N SER A 1 -18.88 -19.55 -12.20
CA SER A 1 -18.01 -18.94 -11.21
C SER A 1 -18.06 -17.42 -11.29
N VAL A 2 -19.05 -16.83 -10.61
CA VAL A 2 -19.22 -15.38 -10.60
C VAL A 2 -18.30 -14.73 -9.58
N LYS A 3 -18.39 -15.19 -8.34
CA LYS A 3 -17.56 -14.66 -7.26
C LYS A 3 -16.08 -14.77 -7.60
N GLU A 4 -15.69 -15.90 -8.15
CA GLU A 4 -14.29 -16.15 -8.52
C GLU A 4 -13.83 -15.11 -9.55
N GLY A 5 -14.63 -14.92 -10.60
CA GLY A 5 -14.28 -13.97 -11.64
C GLY A 5 -14.02 -12.58 -11.08
N ALA A 6 -14.90 -12.14 -10.17
CA ALA A 6 -14.76 -10.83 -9.56
C ALA A 6 -13.48 -10.72 -8.75
N GLN A 7 -13.11 -11.80 -8.10
CA GLN A 7 -11.90 -11.83 -7.28
C GLN A 7 -10.69 -11.36 -8.09
N ARG A 8 -10.63 -11.80 -9.35
CA ARG A 8 -9.53 -11.42 -10.22
C ARG A 8 -9.57 -9.93 -10.55
N LYS A 9 -10.73 -9.47 -11.02
CA LYS A 9 -10.91 -8.06 -11.37
C LYS A 9 -10.49 -7.16 -10.22
N TRP A 10 -10.75 -7.60 -8.99
CA TRP A 10 -10.40 -6.82 -7.81
C TRP A 10 -8.93 -6.42 -7.85
N ALA A 11 -8.09 -7.31 -8.35
CA ALA A 11 -6.66 -7.05 -8.44
C ALA A 11 -6.38 -5.72 -9.13
N ALA A 12 -7.11 -5.46 -10.21
CA ALA A 12 -6.94 -4.22 -10.95
C ALA A 12 -7.10 -3.00 -10.04
N LEU A 13 -8.04 -3.10 -9.10
CA LEU A 13 -8.29 -2.00 -8.17
C LEU A 13 -7.00 -1.56 -7.49
N LYS A 14 -6.28 -2.52 -6.92
CA LYS A 14 -5.03 -2.21 -6.24
C LYS A 14 -3.97 -1.73 -7.23
N GLU A 15 -3.98 -2.31 -8.43
CA GLU A 15 -3.02 -1.93 -9.46
C GLU A 15 -3.04 -0.42 -9.70
N LYS A 16 -4.23 0.17 -9.61
CA LYS A 16 -4.39 1.60 -9.82
C LYS A 16 -3.74 2.38 -8.68
N LEU A 17 -3.79 1.82 -7.48
CA LEU A 17 -3.21 2.46 -6.30
C LEU A 17 -1.71 2.17 -6.20
N GLY A 18 -0.91 3.13 -6.62
CA GLY A 18 0.53 2.96 -6.56
C GLY A 18 1.01 2.57 -5.18
N PRO A 19 2.29 2.16 -5.09
CA PRO A 19 2.90 1.74 -3.83
C PRO A 19 3.11 2.92 -2.87
N GLN A 20 3.37 2.60 -1.60
CA GLN A 20 3.59 3.63 -0.59
C GLN A 20 5.05 3.68 -0.17
N ASP A 21 5.89 4.20 -1.04
CA ASP A 21 7.32 4.31 -0.77
C ASP A 21 7.61 5.53 0.12
N SER A 22 8.02 5.28 1.34
CA SER A 22 8.33 6.35 2.29
C SER A 22 9.83 6.57 2.40
N ASP A 23 10.23 7.80 2.68
CA ASP A 23 11.64 8.14 2.82
C ASP A 23 12.13 7.92 4.24
N PRO A 24 13.40 7.54 4.39
CA PRO A 24 14.01 7.28 5.70
C PRO A 24 14.20 8.56 6.51
N THR A 25 14.61 9.63 5.83
CA THR A 25 14.83 10.92 6.50
C THR A 25 13.54 11.44 7.11
N GLU A 26 12.44 11.32 6.36
CA GLU A 26 11.14 11.78 6.84
C GLU A 26 10.65 10.93 8.01
N ALA A 27 10.83 9.62 7.89
CA ALA A 27 10.40 8.70 8.93
C ALA A 27 11.23 8.88 10.21
N ASN A 28 12.51 9.19 10.03
CA ASN A 28 13.41 9.40 11.16
C ASN A 28 12.95 10.57 12.01
N LEU A 29 12.42 11.59 11.36
CA LEU A 29 11.92 12.78 12.07
C LEU A 29 10.94 12.39 13.16
N GLU A 30 10.10 11.41 12.88
CA GLU A 30 9.11 10.95 13.84
C GLU A 30 9.74 9.99 14.84
N SER A 31 10.59 9.10 14.36
CA SER A 31 11.25 8.12 15.21
C SER A 31 12.07 8.81 16.30
N ALA A 32 11.58 8.72 17.53
CA ALA A 32 12.25 9.33 18.67
C ALA A 32 13.53 8.58 19.02
N ASP A 33 14.56 9.32 19.41
CA ASP A 33 15.84 8.73 19.77
C ASP A 33 15.65 7.64 20.82
N PRO A 34 16.49 6.59 20.74
CA PRO A 34 16.44 5.46 21.69
C PRO A 34 16.90 5.86 23.09
N GLU A 35 17.89 6.74 23.15
CA GLU A 35 18.41 7.20 24.44
C GLU A 35 18.82 6.01 25.31
N SER A 1 -20.52 -13.46 -10.29
CA SER A 1 -19.72 -12.48 -9.56
C SER A 1 -18.26 -12.52 -9.99
N VAL A 2 -18.05 -12.46 -11.30
CA VAL A 2 -16.70 -12.49 -11.87
C VAL A 2 -16.01 -11.14 -11.71
N LYS A 3 -16.67 -10.10 -12.21
CA LYS A 3 -16.12 -8.75 -12.14
C LYS A 3 -15.95 -8.32 -10.68
N GLU A 4 -16.91 -8.66 -9.84
CA GLU A 4 -16.86 -8.31 -8.43
C GLU A 4 -15.65 -8.93 -7.76
N GLY A 5 -15.36 -10.18 -8.10
CA GLY A 5 -14.22 -10.87 -7.52
C GLY A 5 -12.90 -10.34 -8.04
N ALA A 6 -12.88 -9.93 -9.30
CA ALA A 6 -11.67 -9.41 -9.92
C ALA A 6 -11.19 -8.16 -9.19
N GLN A 7 -12.11 -7.25 -8.91
CA GLN A 7 -11.78 -6.01 -8.21
C GLN A 7 -11.01 -6.30 -6.92
N ARG A 8 -11.60 -7.11 -6.05
CA ARG A 8 -10.98 -7.47 -4.79
C ARG A 8 -9.65 -8.18 -5.02
N LYS A 9 -9.66 -9.15 -5.94
CA LYS A 9 -8.46 -9.92 -6.26
C LYS A 9 -7.31 -8.99 -6.66
N TRP A 10 -7.64 -7.93 -7.39
CA TRP A 10 -6.65 -6.97 -7.84
C TRP A 10 -5.83 -6.45 -6.66
N ALA A 11 -6.50 -6.24 -5.53
CA ALA A 11 -5.82 -5.74 -4.34
C ALA A 11 -4.59 -6.57 -4.00
N ALA A 12 -4.68 -7.88 -4.25
CA ALA A 12 -3.58 -8.78 -3.98
C ALA A 12 -2.34 -8.39 -4.78
N LEU A 13 -2.55 -7.92 -6.00
CA LEU A 13 -1.45 -7.51 -6.87
C LEU A 13 -0.59 -6.46 -6.19
N LYS A 14 -1.23 -5.42 -5.66
CA LYS A 14 -0.53 -4.34 -4.99
C LYS A 14 0.28 -4.88 -3.80
N GLU A 15 -0.29 -5.86 -3.10
CA GLU A 15 0.37 -6.45 -1.95
C GLU A 15 1.79 -6.93 -2.31
N LYS A 16 1.91 -7.54 -3.48
CA LYS A 16 3.19 -8.03 -3.95
C LYS A 16 4.09 -6.89 -4.41
N LEU A 17 3.47 -5.84 -4.95
CA LEU A 17 4.22 -4.68 -5.42
C LEU A 17 4.75 -3.86 -4.24
N GLY A 18 5.42 -2.76 -4.55
CA GLY A 18 5.97 -1.91 -3.51
C GLY A 18 4.90 -1.25 -2.67
N PRO A 19 5.32 -0.35 -1.77
CA PRO A 19 4.40 0.36 -0.88
C PRO A 19 3.53 1.37 -1.62
N GLN A 20 2.48 1.84 -0.97
CA GLN A 20 1.57 2.81 -1.58
C GLN A 20 1.67 4.17 -0.89
N ASP A 21 1.87 4.15 0.43
CA ASP A 21 1.98 5.37 1.21
C ASP A 21 3.33 6.03 0.98
N SER A 22 3.34 7.13 0.23
CA SER A 22 4.58 7.85 -0.07
C SER A 22 4.54 9.25 0.54
N ASP A 23 3.94 9.36 1.72
CA ASP A 23 3.85 10.65 2.40
C ASP A 23 4.98 10.81 3.41
N PRO A 24 5.42 12.06 3.61
CA PRO A 24 6.50 12.38 4.53
C PRO A 24 6.09 12.20 5.99
N THR A 25 4.82 12.47 6.28
CA THR A 25 4.30 12.33 7.63
C THR A 25 4.58 10.94 8.19
N GLU A 26 4.51 9.94 7.33
CA GLU A 26 4.76 8.56 7.74
C GLU A 26 6.25 8.31 7.94
N ALA A 27 7.05 8.75 6.97
CA ALA A 27 8.49 8.58 7.03
C ALA A 27 9.05 9.14 8.33
N ASN A 28 8.53 10.28 8.76
CA ASN A 28 8.97 10.91 9.99
C ASN A 28 8.71 10.02 11.20
N LEU A 29 7.51 9.43 11.24
CA LEU A 29 7.14 8.55 12.33
C LEU A 29 7.98 7.29 12.34
N GLU A 30 8.15 6.69 11.16
CA GLU A 30 8.93 5.47 11.03
C GLU A 30 10.36 5.68 11.53
N SER A 31 10.89 6.88 11.30
CA SER A 31 12.25 7.20 11.72
C SER A 31 12.31 7.35 13.24
N ALA A 32 13.34 6.77 13.85
CA ALA A 32 13.52 6.83 15.29
C ALA A 32 14.31 8.08 15.69
N ASP A 33 15.58 8.13 15.29
CA ASP A 33 16.45 9.26 15.60
C ASP A 33 15.95 10.53 14.91
N PRO A 34 16.14 11.67 15.58
CA PRO A 34 15.72 12.97 15.07
C PRO A 34 16.54 13.42 13.87
N GLU A 35 17.84 13.14 13.93
CA GLU A 35 18.75 13.52 12.86
C GLU A 35 18.37 12.84 11.55
N SER A 1 -21.07 -12.87 -6.67
CA SER A 1 -20.06 -11.81 -6.71
C SER A 1 -18.86 -12.18 -5.85
N VAL A 2 -18.43 -13.43 -5.94
CA VAL A 2 -17.29 -13.91 -5.17
C VAL A 2 -15.99 -13.76 -5.97
N LYS A 3 -16.04 -14.13 -7.24
CA LYS A 3 -14.87 -14.04 -8.11
C LYS A 3 -14.43 -12.59 -8.28
N GLU A 4 -15.41 -11.68 -8.34
CA GLU A 4 -15.12 -10.26 -8.50
C GLU A 4 -14.69 -9.65 -7.17
N GLY A 5 -15.42 -9.99 -6.10
CA GLY A 5 -15.10 -9.46 -4.79
C GLY A 5 -13.67 -9.73 -4.38
N ALA A 6 -13.24 -10.98 -4.53
CA ALA A 6 -11.88 -11.37 -4.17
C ALA A 6 -10.86 -10.51 -4.90
N GLN A 7 -11.16 -10.15 -6.14
CA GLN A 7 -10.26 -9.33 -6.94
C GLN A 7 -9.87 -8.05 -6.19
N ARG A 8 -10.84 -7.46 -5.50
CA ARG A 8 -10.60 -6.24 -4.74
C ARG A 8 -9.41 -6.42 -3.79
N LYS A 9 -9.35 -7.57 -3.13
CA LYS A 9 -8.28 -7.86 -2.20
C LYS A 9 -6.94 -7.94 -2.92
N TRP A 10 -6.95 -8.57 -4.09
CA TRP A 10 -5.73 -8.71 -4.88
C TRP A 10 -5.10 -7.35 -5.17
N ALA A 11 -5.93 -6.36 -5.44
CA ALA A 11 -5.45 -5.01 -5.72
C ALA A 11 -4.50 -4.54 -4.62
N ALA A 12 -4.79 -4.92 -3.38
CA ALA A 12 -3.96 -4.53 -2.25
C ALA A 12 -2.55 -5.10 -2.37
N LEU A 13 -2.45 -6.31 -2.92
CA LEU A 13 -1.16 -6.96 -3.10
C LEU A 13 -0.19 -6.06 -3.85
N LYS A 14 -0.55 -5.70 -5.08
CA LYS A 14 0.29 -4.84 -5.91
C LYS A 14 0.28 -3.41 -5.38
N GLU A 15 -0.87 -2.97 -4.88
CA GLU A 15 -1.01 -1.64 -4.35
C GLU A 15 0.09 -1.34 -3.32
N LYS A 16 0.29 -2.25 -2.39
CA LYS A 16 1.31 -2.10 -1.36
C LYS A 16 2.70 -2.32 -1.93
N LEU A 17 2.80 -3.21 -2.91
CA LEU A 17 4.08 -3.51 -3.55
C LEU A 17 4.57 -2.31 -4.36
N GLY A 18 5.49 -1.54 -3.78
CA GLY A 18 6.02 -0.38 -4.46
C GLY A 18 5.23 0.87 -4.17
N PRO A 19 5.34 1.38 -2.93
CA PRO A 19 4.64 2.60 -2.51
C PRO A 19 5.19 3.85 -3.18
N GLN A 20 4.44 4.95 -3.08
CA GLN A 20 4.86 6.21 -3.67
C GLN A 20 5.83 6.94 -2.76
N ASP A 21 6.95 6.30 -2.44
CA ASP A 21 7.95 6.90 -1.57
C ASP A 21 9.07 7.52 -2.39
N SER A 22 9.06 8.85 -2.48
CA SER A 22 10.07 9.58 -3.25
C SER A 22 10.92 10.45 -2.33
N ASP A 23 10.24 11.18 -1.44
CA ASP A 23 10.93 12.06 -0.50
C ASP A 23 11.06 11.41 0.87
N PRO A 24 12.15 11.73 1.57
CA PRO A 24 12.42 11.18 2.91
C PRO A 24 11.45 11.72 3.96
N THR A 25 11.12 13.00 3.86
CA THR A 25 10.20 13.63 4.80
C THR A 25 8.86 12.92 4.83
N GLU A 26 8.34 12.58 3.64
CA GLU A 26 7.07 11.89 3.53
C GLU A 26 7.20 10.43 3.96
N ALA A 27 8.31 9.81 3.59
CA ALA A 27 8.56 8.42 3.94
C ALA A 27 8.45 8.20 5.44
N ASN A 28 8.95 9.16 6.21
CA ASN A 28 8.91 9.08 7.66
C ASN A 28 7.49 8.85 8.17
N LEU A 29 6.53 9.55 7.56
CA LEU A 29 5.13 9.42 7.95
C LEU A 29 4.64 7.99 7.73
N GLU A 30 5.07 7.38 6.63
CA GLU A 30 4.67 6.01 6.31
C GLU A 30 5.24 5.03 7.34
N SER A 31 6.51 5.21 7.66
CA SER A 31 7.19 4.34 8.62
C SER A 31 6.48 4.36 9.97
N ALA A 32 6.27 3.17 10.53
CA ALA A 32 5.58 3.05 11.82
C ALA A 32 6.31 3.85 12.89
N ASP A 33 7.63 3.85 12.85
CA ASP A 33 8.44 4.57 13.83
C ASP A 33 8.04 6.04 13.87
N PRO A 34 8.12 6.64 15.07
CA PRO A 34 7.76 8.05 15.26
C PRO A 34 8.76 9.01 14.61
N GLU A 35 10.04 8.61 14.60
CA GLU A 35 11.08 9.42 14.00
C GLU A 35 12.40 8.66 13.95
N SER A 1 -14.31 -9.28 5.05
CA SER A 1 -13.10 -8.61 4.58
C SER A 1 -12.47 -9.38 3.43
N VAL A 2 -13.30 -9.84 2.50
CA VAL A 2 -12.81 -10.59 1.36
C VAL A 2 -12.54 -9.68 0.17
N LYS A 3 -13.45 -8.73 -0.06
CA LYS A 3 -13.32 -7.79 -1.16
C LYS A 3 -12.26 -6.72 -0.83
N GLU A 4 -12.22 -6.31 0.43
CA GLU A 4 -11.26 -5.30 0.87
C GLU A 4 -9.82 -5.76 0.60
N GLY A 5 -9.50 -6.96 1.07
CA GLY A 5 -8.16 -7.50 0.87
C GLY A 5 -7.83 -7.70 -0.59
N ALA A 6 -8.82 -8.09 -1.37
CA ALA A 6 -8.63 -8.31 -2.79
C ALA A 6 -8.00 -7.09 -3.46
N GLN A 7 -8.40 -5.91 -3.01
CA GLN A 7 -7.87 -4.66 -3.56
C GLN A 7 -6.56 -4.28 -2.90
N ARG A 8 -6.50 -4.44 -1.58
CA ARG A 8 -5.29 -4.12 -0.82
C ARG A 8 -4.07 -4.84 -1.40
N LYS A 9 -4.26 -6.11 -1.74
CA LYS A 9 -3.17 -6.91 -2.30
C LYS A 9 -2.76 -6.38 -3.67
N TRP A 10 -3.75 -6.06 -4.49
CA TRP A 10 -3.48 -5.55 -5.83
C TRP A 10 -2.53 -4.36 -5.78
N ALA A 11 -2.66 -3.53 -4.76
CA ALA A 11 -1.81 -2.37 -4.59
C ALA A 11 -0.34 -2.76 -4.67
N ALA A 12 -0.01 -3.93 -4.14
CA ALA A 12 1.36 -4.42 -4.14
C ALA A 12 1.87 -4.62 -5.56
N LEU A 13 0.98 -5.05 -6.45
CA LEU A 13 1.33 -5.28 -7.85
C LEU A 13 1.94 -4.03 -8.46
N LYS A 14 1.16 -2.95 -8.50
CA LYS A 14 1.63 -1.68 -9.06
C LYS A 14 2.70 -1.05 -8.18
N GLU A 15 2.55 -1.22 -6.86
CA GLU A 15 3.51 -0.66 -5.91
C GLU A 15 4.93 -1.08 -6.27
N LYS A 16 5.12 -2.38 -6.51
CA LYS A 16 6.43 -2.91 -6.87
C LYS A 16 6.75 -2.64 -8.34
N LEU A 17 5.71 -2.66 -9.18
CA LEU A 17 5.88 -2.42 -10.60
C LEU A 17 6.15 -0.94 -10.88
N GLY A 18 7.40 -0.62 -11.17
CA GLY A 18 7.76 0.76 -11.45
C GLY A 18 8.32 1.48 -10.23
N PRO A 19 8.55 2.79 -10.37
CA PRO A 19 9.07 3.62 -9.27
C PRO A 19 8.05 3.81 -8.15
N GLN A 20 8.53 4.30 -7.01
CA GLN A 20 7.67 4.53 -5.86
C GLN A 20 7.55 6.02 -5.56
N ASP A 21 7.11 6.78 -6.55
CA ASP A 21 6.94 8.22 -6.39
C ASP A 21 5.64 8.55 -5.66
N SER A 22 5.56 8.16 -4.39
CA SER A 22 4.37 8.40 -3.59
C SER A 22 4.68 9.34 -2.42
N ASP A 23 3.64 9.80 -1.75
CA ASP A 23 3.80 10.71 -0.61
C ASP A 23 4.05 9.91 0.67
N PRO A 24 4.82 10.51 1.58
CA PRO A 24 5.15 9.88 2.87
C PRO A 24 3.95 9.82 3.80
N THR A 25 3.09 10.83 3.72
CA THR A 25 1.90 10.88 4.56
C THR A 25 0.95 9.72 4.26
N GLU A 26 0.86 9.36 2.97
CA GLU A 26 0.00 8.27 2.55
C GLU A 26 0.53 6.93 3.05
N ALA A 27 1.81 6.68 2.82
CA ALA A 27 2.44 5.44 3.25
C ALA A 27 2.19 5.18 4.73
N ASN A 28 2.20 6.24 5.52
CA ASN A 28 1.97 6.13 6.97
C ASN A 28 0.63 5.46 7.25
N LEU A 29 -0.40 5.88 6.53
CA LEU A 29 -1.74 5.32 6.71
C LEU A 29 -1.74 3.83 6.44
N GLU A 30 -1.03 3.42 5.39
CA GLU A 30 -0.96 2.01 5.02
C GLU A 30 -0.41 1.18 6.17
N SER A 31 0.75 1.59 6.69
CA SER A 31 1.39 0.89 7.79
C SER A 31 0.78 1.30 9.13
N ALA A 32 -0.23 0.57 9.58
CA ALA A 32 -0.89 0.86 10.84
C ALA A 32 0.09 0.73 12.01
N ASP A 33 0.95 -0.28 11.95
CA ASP A 33 1.93 -0.51 13.01
C ASP A 33 3.21 0.28 12.73
N PRO A 34 3.86 0.73 13.81
CA PRO A 34 5.11 1.51 13.71
C PRO A 34 6.29 0.65 13.24
N GLU A 35 6.29 -0.61 13.67
CA GLU A 35 7.36 -1.54 13.30
C GLU A 35 7.25 -1.93 11.83
N SER A 1 -23.50 -14.54 -14.22
CA SER A 1 -22.11 -14.24 -14.56
C SER A 1 -21.20 -14.44 -13.36
N VAL A 2 -20.51 -15.57 -13.33
CA VAL A 2 -19.59 -15.88 -12.24
C VAL A 2 -18.22 -15.26 -12.47
N LYS A 3 -17.77 -15.30 -13.71
CA LYS A 3 -16.47 -14.74 -14.07
C LYS A 3 -16.43 -13.24 -13.79
N GLU A 4 -17.52 -12.56 -14.12
CA GLU A 4 -17.61 -11.12 -13.91
C GLU A 4 -17.47 -10.77 -12.42
N GLY A 5 -18.26 -11.44 -11.59
CA GLY A 5 -18.21 -11.20 -10.16
C GLY A 5 -16.85 -11.49 -9.57
N ALA A 6 -16.22 -12.58 -10.04
CA ALA A 6 -14.90 -12.96 -9.55
C ALA A 6 -13.84 -11.95 -9.96
N GLN A 7 -13.89 -11.54 -11.23
CA GLN A 7 -12.92 -10.57 -11.74
C GLN A 7 -12.95 -9.29 -10.92
N ARG A 8 -14.16 -8.81 -10.63
CA ARG A 8 -14.32 -7.59 -9.85
C ARG A 8 -13.55 -7.66 -8.54
N LYS A 9 -13.60 -8.83 -7.89
CA LYS A 9 -12.90 -9.02 -6.63
C LYS A 9 -11.39 -9.04 -6.84
N TRP A 10 -10.96 -9.62 -7.96
CA TRP A 10 -9.54 -9.70 -8.28
C TRP A 10 -8.89 -8.32 -8.23
N ALA A 11 -9.63 -7.31 -8.68
CA ALA A 11 -9.12 -5.95 -8.69
C ALA A 11 -8.63 -5.54 -7.31
N ALA A 12 -9.32 -6.00 -6.28
CA ALA A 12 -8.96 -5.69 -4.90
C ALA A 12 -7.56 -6.21 -4.56
N LEU A 13 -7.23 -7.38 -5.12
CA LEU A 13 -5.93 -8.00 -4.87
C LEU A 13 -4.80 -7.02 -5.19
N LYS A 14 -4.74 -6.59 -6.45
CA LYS A 14 -3.70 -5.65 -6.89
C LYS A 14 -3.95 -4.27 -6.31
N GLU A 15 -5.22 -3.88 -6.20
CA GLU A 15 -5.58 -2.58 -5.67
C GLU A 15 -4.94 -2.35 -4.31
N LYS A 16 -5.02 -3.37 -3.44
CA LYS A 16 -4.44 -3.28 -2.11
C LYS A 16 -2.91 -3.35 -2.17
N LEU A 17 -2.40 -4.13 -3.13
CA LEU A 17 -0.96 -4.28 -3.29
C LEU A 17 -0.30 -2.94 -3.65
N GLY A 18 0.99 -2.84 -3.39
CA GLY A 18 1.72 -1.62 -3.68
C GLY A 18 3.19 -1.72 -3.35
N PRO A 19 3.90 -0.59 -3.45
CA PRO A 19 5.34 -0.53 -3.15
C PRO A 19 5.62 -0.69 -1.66
N GLN A 20 6.89 -0.95 -1.33
CA GLN A 20 7.30 -1.13 0.05
C GLN A 20 8.26 -0.03 0.49
N ASP A 21 7.71 1.17 0.68
CA ASP A 21 8.52 2.32 1.10
C ASP A 21 8.18 2.73 2.53
N SER A 22 9.20 2.99 3.33
CA SER A 22 9.00 3.39 4.72
C SER A 22 8.29 4.74 4.79
N ASP A 23 8.00 5.17 6.01
CA ASP A 23 7.32 6.45 6.23
C ASP A 23 8.32 7.56 6.51
N PRO A 24 7.99 8.78 6.08
CA PRO A 24 8.85 9.95 6.28
C PRO A 24 8.92 10.38 7.74
N THR A 25 7.79 10.32 8.43
CA THR A 25 7.73 10.70 9.83
C THR A 25 8.78 9.95 10.65
N GLU A 26 8.99 8.68 10.32
CA GLU A 26 9.96 7.85 11.02
C GLU A 26 11.35 8.50 10.99
N ALA A 27 11.67 9.14 9.88
CA ALA A 27 12.96 9.80 9.72
C ALA A 27 13.10 10.97 10.68
N ASN A 28 12.08 11.83 10.71
CA ASN A 28 12.08 12.99 11.58
C ASN A 28 12.12 12.57 13.05
N LEU A 29 11.43 11.48 13.37
CA LEU A 29 11.39 10.98 14.74
C LEU A 29 12.80 10.73 15.27
N GLU A 30 13.66 10.23 14.41
CA GLU A 30 15.05 9.96 14.79
C GLU A 30 15.93 11.19 14.60
N SER A 31 15.67 11.93 13.53
CA SER A 31 16.44 13.13 13.23
C SER A 31 16.30 14.17 14.35
N ALA A 32 17.27 14.18 15.26
CA ALA A 32 17.25 15.11 16.37
C ALA A 32 17.81 16.47 15.96
N ASP A 33 17.89 17.38 16.92
CA ASP A 33 18.41 18.73 16.66
C ASP A 33 19.89 18.67 16.32
N PRO A 34 20.34 19.58 15.43
CA PRO A 34 21.73 19.66 15.01
C PRO A 34 22.64 20.17 16.12
N GLU A 35 22.16 21.14 16.88
CA GLU A 35 22.92 21.72 17.98
C GLU A 35 22.57 21.06 19.31
N SER A 1 -8.67 -8.41 5.67
CA SER A 1 -9.91 -7.66 5.58
C SER A 1 -10.22 -7.29 4.13
N VAL A 2 -11.36 -6.64 3.92
CA VAL A 2 -11.77 -6.23 2.58
C VAL A 2 -11.12 -4.92 2.17
N LYS A 3 -11.10 -3.96 3.10
CA LYS A 3 -10.50 -2.66 2.85
C LYS A 3 -9.01 -2.78 2.59
N GLU A 4 -8.35 -3.66 3.35
CA GLU A 4 -6.91 -3.88 3.21
C GLU A 4 -6.62 -4.76 2.00
N GLY A 5 -7.45 -5.77 1.79
CA GLY A 5 -7.25 -6.67 0.67
C GLY A 5 -7.14 -5.94 -0.65
N ALA A 6 -8.02 -4.96 -0.85
CA ALA A 6 -8.03 -4.18 -2.09
C ALA A 6 -6.66 -3.51 -2.31
N GLN A 7 -6.05 -3.05 -1.23
CA GLN A 7 -4.76 -2.39 -1.31
C GLN A 7 -3.71 -3.33 -1.90
N ARG A 8 -3.61 -4.53 -1.34
CA ARG A 8 -2.64 -5.51 -1.82
C ARG A 8 -2.82 -5.77 -3.31
N LYS A 9 -4.06 -5.98 -3.73
CA LYS A 9 -4.36 -6.24 -5.13
C LYS A 9 -4.02 -5.03 -5.99
N TRP A 10 -4.24 -3.84 -5.44
CA TRP A 10 -3.95 -2.61 -6.17
C TRP A 10 -2.49 -2.53 -6.56
N ALA A 11 -1.61 -3.03 -5.69
CA ALA A 11 -0.18 -3.02 -5.95
C ALA A 11 0.13 -3.65 -7.31
N ALA A 12 -0.57 -4.73 -7.63
CA ALA A 12 -0.37 -5.42 -8.89
C ALA A 12 -0.56 -4.47 -10.07
N LEU A 13 -1.51 -3.55 -9.93
CA LEU A 13 -1.80 -2.58 -10.99
C LEU A 13 -0.68 -1.55 -11.10
N LYS A 14 -0.17 -1.11 -9.96
CA LYS A 14 0.89 -0.13 -9.92
C LYS A 14 2.16 -0.67 -10.59
N GLU A 15 2.63 -1.80 -10.09
CA GLU A 15 3.83 -2.44 -10.63
C GLU A 15 3.73 -2.60 -12.14
N LYS A 16 2.52 -2.91 -12.61
CA LYS A 16 2.27 -3.11 -14.03
C LYS A 16 2.28 -1.77 -14.77
N LEU A 17 1.83 -0.72 -14.10
CA LEU A 17 1.79 0.62 -14.69
C LEU A 17 3.17 1.01 -15.22
N GLY A 18 4.14 1.11 -14.31
CA GLY A 18 5.48 1.48 -14.70
C GLY A 18 6.26 2.12 -13.58
N PRO A 19 5.88 3.35 -13.21
CA PRO A 19 6.53 4.10 -12.13
C PRO A 19 6.26 3.49 -10.76
N GLN A 20 7.03 3.92 -9.76
CA GLN A 20 6.88 3.42 -8.40
C GLN A 20 6.68 4.57 -7.42
N ASP A 21 5.69 5.42 -7.70
CA ASP A 21 5.39 6.55 -6.84
C ASP A 21 4.54 6.13 -5.65
N SER A 22 5.19 5.63 -4.61
CA SER A 22 4.49 5.19 -3.40
C SER A 22 4.87 6.04 -2.21
N ASP A 23 3.97 6.13 -1.23
CA ASP A 23 4.21 6.91 -0.02
C ASP A 23 4.83 6.05 1.06
N PRO A 24 5.67 6.67 1.90
CA PRO A 24 6.36 5.96 3.00
C PRO A 24 5.40 5.58 4.11
N THR A 25 4.35 6.37 4.30
CA THR A 25 3.35 6.10 5.33
C THR A 25 2.86 4.66 5.25
N GLU A 26 2.75 4.15 4.03
CA GLU A 26 2.27 2.78 3.81
C GLU A 26 3.10 1.79 4.63
N ALA A 27 4.37 2.09 4.80
CA ALA A 27 5.27 1.23 5.57
C ALA A 27 5.07 1.41 7.07
N ASN A 28 4.82 2.66 7.48
CA ASN A 28 4.62 2.97 8.88
C ASN A 28 3.28 2.40 9.38
N LEU A 29 2.27 2.45 8.52
CA LEU A 29 0.95 1.94 8.86
C LEU A 29 0.99 0.43 9.06
N GLU A 30 1.73 -0.26 8.20
CA GLU A 30 1.85 -1.71 8.28
C GLU A 30 2.61 -2.12 9.54
N SER A 31 3.71 -1.43 9.80
CA SER A 31 4.54 -1.72 10.97
C SER A 31 3.79 -1.38 12.26
N ALA A 32 3.55 -0.08 12.47
CA ALA A 32 2.86 0.38 13.66
C ALA A 32 1.36 0.12 13.55
N ASP A 33 0.79 -0.48 14.60
CA ASP A 33 -0.64 -0.79 14.61
C ASP A 33 -1.43 0.36 15.24
N PRO A 34 -2.65 0.58 14.73
CA PRO A 34 -3.53 1.65 15.23
C PRO A 34 -4.05 1.36 16.63
N GLU A 35 -4.39 0.10 16.89
CA GLU A 35 -4.89 -0.30 18.19
C GLU A 35 -6.17 0.45 18.54
N SER A 1 -17.53 -16.73 -13.09
CA SER A 1 -18.80 -16.08 -12.76
C SER A 1 -18.58 -14.65 -12.28
N VAL A 2 -19.67 -14.01 -11.87
CA VAL A 2 -19.59 -12.62 -11.39
C VAL A 2 -18.67 -12.52 -10.18
N LYS A 3 -18.81 -13.45 -9.24
CA LYS A 3 -17.99 -13.46 -8.03
C LYS A 3 -16.50 -13.41 -8.39
N GLU A 4 -16.14 -14.12 -9.45
CA GLU A 4 -14.75 -14.16 -9.89
C GLU A 4 -14.33 -12.82 -10.49
N GLY A 5 -15.17 -12.28 -11.38
CA GLY A 5 -14.86 -11.01 -12.00
C GLY A 5 -14.54 -9.92 -10.99
N ALA A 6 -15.29 -9.90 -9.89
CA ALA A 6 -15.08 -8.91 -8.84
C ALA A 6 -13.67 -9.02 -8.27
N GLN A 7 -13.23 -10.24 -7.98
CA GLN A 7 -11.91 -10.48 -7.43
C GLN A 7 -10.82 -9.99 -8.39
N ARG A 8 -10.92 -10.41 -9.64
CA ARG A 8 -9.95 -10.02 -10.67
C ARG A 8 -9.78 -8.51 -10.70
N LYS A 9 -10.89 -7.79 -10.61
CA LYS A 9 -10.87 -6.33 -10.63
C LYS A 9 -10.08 -5.78 -9.44
N TRP A 10 -10.22 -6.45 -8.29
CA TRP A 10 -9.53 -6.03 -7.09
C TRP A 10 -8.04 -5.85 -7.34
N ALA A 11 -7.47 -6.73 -8.17
CA ALA A 11 -6.06 -6.66 -8.51
C ALA A 11 -5.66 -5.27 -8.98
N ALA A 12 -6.52 -4.66 -9.79
CA ALA A 12 -6.27 -3.33 -10.31
C ALA A 12 -5.93 -2.35 -9.20
N LEU A 13 -6.63 -2.48 -8.07
CA LEU A 13 -6.41 -1.62 -6.92
C LEU A 13 -4.93 -1.62 -6.51
N LYS A 14 -4.41 -2.81 -6.22
CA LYS A 14 -3.02 -2.96 -5.82
C LYS A 14 -2.08 -2.52 -6.94
N GLU A 15 -2.47 -2.80 -8.18
CA GLU A 15 -1.66 -2.43 -9.34
C GLU A 15 -1.47 -0.91 -9.41
N LYS A 16 -2.53 -0.18 -9.09
CA LYS A 16 -2.49 1.28 -9.11
C LYS A 16 -1.83 1.83 -7.86
N LEU A 17 -2.02 1.14 -6.74
CA LEU A 17 -1.44 1.55 -5.47
C LEU A 17 0.08 1.43 -5.49
N GLY A 18 0.76 2.56 -5.62
CA GLY A 18 2.21 2.57 -5.66
C GLY A 18 2.82 1.83 -4.47
N PRO A 19 2.74 2.45 -3.29
CA PRO A 19 3.29 1.87 -2.06
C PRO A 19 2.49 0.66 -1.59
N GLN A 20 3.06 -0.10 -0.66
CA GLN A 20 2.41 -1.28 -0.13
C GLN A 20 2.23 -1.18 1.38
N ASP A 21 3.34 -1.08 2.10
CA ASP A 21 3.31 -0.97 3.55
C ASP A 21 3.79 0.40 4.01
N SER A 22 2.91 1.16 4.65
CA SER A 22 3.25 2.48 5.14
C SER A 22 3.26 2.53 6.66
N ASP A 23 4.42 2.22 7.24
CA ASP A 23 4.56 2.23 8.69
C ASP A 23 4.92 3.62 9.20
N PRO A 24 4.45 3.94 10.42
CA PRO A 24 4.70 5.24 11.04
C PRO A 24 6.16 5.41 11.44
N THR A 25 6.82 4.31 11.78
CA THR A 25 8.22 4.35 12.19
C THR A 25 9.06 5.10 11.18
N GLU A 26 8.71 4.97 9.90
CA GLU A 26 9.43 5.64 8.83
C GLU A 26 9.54 7.14 9.10
N ALA A 27 8.51 7.69 9.73
CA ALA A 27 8.48 9.12 10.05
C ALA A 27 9.55 9.46 11.08
N ASN A 28 9.66 8.63 12.10
CA ASN A 28 10.64 8.86 13.17
C ASN A 28 12.06 8.81 12.62
N LEU A 29 12.31 7.86 11.72
CA LEU A 29 13.63 7.72 11.11
C LEU A 29 13.97 8.92 10.24
N GLU A 30 12.95 9.46 9.56
CA GLU A 30 13.14 10.62 8.69
C GLU A 30 13.82 11.76 9.45
N SER A 31 13.45 11.92 10.71
CA SER A 31 14.01 12.98 11.54
C SER A 31 15.27 12.49 12.27
N ALA A 32 16.42 12.75 11.68
CA ALA A 32 17.69 12.34 12.26
C ALA A 32 18.03 13.18 13.50
N ASP A 33 19.04 12.76 14.24
CA ASP A 33 19.47 13.48 15.43
C ASP A 33 20.03 14.86 15.08
N PRO A 34 19.80 15.83 15.96
CA PRO A 34 20.27 17.21 15.75
C PRO A 34 21.79 17.32 15.87
N GLU A 35 22.36 16.61 16.84
CA GLU A 35 23.80 16.63 17.05
C GLU A 35 24.30 15.28 17.57
N SER A 1 -17.77 -14.46 -5.94
CA SER A 1 -18.61 -13.42 -5.38
C SER A 1 -17.95 -12.05 -5.56
N VAL A 2 -18.67 -11.00 -5.15
CA VAL A 2 -18.16 -9.64 -5.27
C VAL A 2 -16.87 -9.47 -4.47
N LYS A 3 -16.92 -9.81 -3.18
CA LYS A 3 -15.77 -9.69 -2.32
C LYS A 3 -14.56 -10.42 -2.90
N GLU A 4 -14.74 -11.71 -3.20
CA GLU A 4 -13.67 -12.52 -3.77
C GLU A 4 -13.14 -11.88 -5.06
N GLY A 5 -14.06 -11.36 -5.87
CA GLY A 5 -13.67 -10.74 -7.13
C GLY A 5 -12.85 -9.48 -6.92
N ALA A 6 -13.25 -8.67 -5.95
CA ALA A 6 -12.53 -7.43 -5.64
C ALA A 6 -11.05 -7.69 -5.44
N GLN A 7 -10.73 -8.80 -4.78
CA GLN A 7 -9.34 -9.16 -4.52
C GLN A 7 -8.54 -9.24 -5.82
N ARG A 8 -9.16 -9.76 -6.87
CA ARG A 8 -8.50 -9.89 -8.17
C ARG A 8 -8.28 -8.52 -8.79
N LYS A 9 -9.30 -7.67 -8.75
CA LYS A 9 -9.22 -6.34 -9.31
C LYS A 9 -8.16 -5.51 -8.60
N TRP A 10 -8.02 -5.72 -7.29
CA TRP A 10 -7.03 -4.99 -6.50
C TRP A 10 -5.63 -5.22 -7.06
N ALA A 11 -5.37 -6.43 -7.54
CA ALA A 11 -4.06 -6.77 -8.08
C ALA A 11 -3.65 -5.78 -9.17
N ALA A 12 -4.62 -5.35 -9.98
CA ALA A 12 -4.36 -4.41 -11.05
C ALA A 12 -3.81 -3.10 -10.51
N LEU A 13 -4.29 -2.69 -9.34
CA LEU A 13 -3.84 -1.46 -8.71
C LEU A 13 -2.33 -1.46 -8.52
N LYS A 14 -1.81 -2.59 -8.04
CA LYS A 14 -0.38 -2.73 -7.81
C LYS A 14 0.40 -2.59 -9.12
N GLU A 15 -0.17 -3.12 -10.20
CA GLU A 15 0.47 -3.06 -11.50
C GLU A 15 0.66 -1.61 -11.94
N LYS A 16 -0.33 -0.77 -11.66
CA LYS A 16 -0.28 0.64 -12.03
C LYS A 16 0.71 1.39 -11.15
N LEU A 17 0.82 0.97 -9.89
CA LEU A 17 1.72 1.61 -8.94
C LEU A 17 3.12 0.98 -9.01
N GLY A 18 3.96 1.52 -9.88
CA GLY A 18 5.31 1.00 -10.02
C GLY A 18 6.22 1.41 -8.87
N PRO A 19 6.62 2.69 -8.87
CA PRO A 19 7.49 3.24 -7.82
C PRO A 19 6.79 3.33 -6.48
N GLN A 20 7.59 3.54 -5.42
CA GLN A 20 7.04 3.65 -4.08
C GLN A 20 7.48 4.96 -3.42
N ASP A 21 7.26 6.07 -4.13
CA ASP A 21 7.62 7.39 -3.62
C ASP A 21 6.61 7.87 -2.59
N SER A 22 6.65 7.26 -1.42
CA SER A 22 5.73 7.62 -0.34
C SER A 22 6.37 8.64 0.60
N ASP A 23 5.54 9.48 1.23
CA ASP A 23 6.03 10.49 2.14
C ASP A 23 6.83 9.85 3.28
N PRO A 24 7.83 10.60 3.78
CA PRO A 24 8.70 10.13 4.87
C PRO A 24 7.96 10.04 6.20
N THR A 25 6.98 10.92 6.39
CA THR A 25 6.20 10.95 7.62
C THR A 25 5.67 9.58 7.96
N GLU A 26 5.31 8.81 6.93
CA GLU A 26 4.79 7.46 7.12
C GLU A 26 5.73 6.62 7.99
N ALA A 27 7.02 6.88 7.85
CA ALA A 27 8.03 6.14 8.61
C ALA A 27 7.86 6.39 10.11
N ASN A 28 7.50 7.61 10.47
CA ASN A 28 7.30 7.97 11.87
C ASN A 28 6.12 7.22 12.47
N LEU A 29 5.09 7.02 11.66
CA LEU A 29 3.89 6.30 12.10
C LEU A 29 4.17 4.81 12.23
N GLU A 30 4.66 4.21 11.15
CA GLU A 30 4.97 2.78 11.14
C GLU A 30 5.94 2.42 12.26
N SER A 31 7.05 3.17 12.33
CA SER A 31 8.06 2.93 13.35
C SER A 31 8.15 4.12 14.31
N ALA A 32 7.84 3.86 15.58
CA ALA A 32 7.89 4.90 16.60
C ALA A 32 9.27 4.98 17.24
N ASP A 33 9.84 3.82 17.56
CA ASP A 33 11.15 3.77 18.17
C ASP A 33 12.25 3.86 17.12
N PRO A 34 13.37 4.49 17.48
CA PRO A 34 14.51 4.66 16.58
C PRO A 34 15.24 3.34 16.30
N GLU A 35 15.37 2.52 17.34
CA GLU A 35 16.04 1.23 17.21
C GLU A 35 15.08 0.09 17.51
#